data_5QAS
#
_entry.id   5QAS
#
_cell.length_a   88.778
_cell.length_b   108.080
_cell.length_c   124.379
_cell.angle_alpha   90.000
_cell.angle_beta   90.000
_cell.angle_gamma   90.000
#
_symmetry.space_group_name_H-M   'P 21 21 21'
#
loop_
_entity.id
_entity.type
_entity.pdbx_description
1 polymer Beta-lactamase
2 non-polymer '3-[4-(2-acetamidoethyl)phenyl]benzoic acid'
3 non-polymer 1,2-ETHANEDIOL
4 water water
#
_entity_poly.entity_id   1
_entity_poly.type   'polypeptide(L)'
_entity_poly.pdbx_seq_one_letter_code
;KEWQENKSWNAHFTEHKSQGVVVLWNENKQQGFTNNLKRANQAFLPASTF(KCX)IPNSLIALDLGVVKDEHQVFKWDGQ
TRDIATWNRDHNLITAMKYSVVPVYQEFARQIGEARMSKMLHAFDYGNEDISGNVDSFWLDGGIRISATEQISFLRKLYH
NKLHVSERSQRIVKQAMLTEANGDYIIRAKTGYSTRIEPKIGWWVGWVELDDNVWFFAMNMDMPTSDGLGLRQAITKEVL
KQEKIIP
;
_entity_poly.pdbx_strand_id   A,B,C,D
#
loop_
_chem_comp.id
_chem_comp.type
_chem_comp.name
_chem_comp.formula
CVF non-polymer '3-[4-(2-acetamidoethyl)phenyl]benzoic acid' 'C17 H17 N O3'
EDO non-polymer 1,2-ETHANEDIOL 'C2 H6 O2'
#
# COMPACT_ATOMS: atom_id res chain seq x y z
N GLU A 2 -5.92 50.11 21.61
CA GLU A 2 -6.37 49.45 20.38
C GLU A 2 -6.04 47.96 20.40
N TRP A 3 -4.85 47.64 20.91
CA TRP A 3 -4.40 46.26 21.06
C TRP A 3 -4.16 45.99 22.53
N GLN A 4 -4.70 44.88 23.02
CA GLN A 4 -4.60 44.52 24.42
C GLN A 4 -4.03 43.11 24.55
N GLU A 5 -3.12 42.94 25.50
CA GLU A 5 -2.49 41.66 25.74
C GLU A 5 -3.09 41.02 26.99
N ASN A 6 -3.52 39.77 26.87
CA ASN A 6 -4.16 39.02 27.95
C ASN A 6 -3.35 37.75 28.15
N LYS A 7 -2.35 37.81 29.02
CA LYS A 7 -1.50 36.64 29.24
C LYS A 7 -2.23 35.51 29.94
N SER A 8 -3.40 35.77 30.54
CA SER A 8 -4.14 34.68 31.16
C SER A 8 -4.55 33.62 30.15
N TRP A 9 -4.66 33.98 28.87
CA TRP A 9 -4.93 32.99 27.84
C TRP A 9 -3.80 31.98 27.69
N ASN A 10 -2.58 32.33 28.12
CA ASN A 10 -1.47 31.38 28.03
C ASN A 10 -1.81 30.07 28.73
N ALA A 11 -2.71 30.11 29.71
CA ALA A 11 -3.11 28.89 30.38
C ALA A 11 -3.68 27.86 29.40
N HIS A 12 -4.37 28.31 28.35
CA HIS A 12 -4.96 27.37 27.40
C HIS A 12 -3.88 26.61 26.63
N PHE A 13 -2.70 27.21 26.46
CA PHE A 13 -1.58 26.50 25.84
C PHE A 13 -0.80 25.69 26.86
N THR A 14 -0.47 26.31 28.00
CA THR A 14 0.31 25.63 29.04
C THR A 14 -0.35 24.33 29.47
N GLU A 15 -1.66 24.35 29.69
CA GLU A 15 -2.35 23.16 30.19
C GLU A 15 -2.20 21.99 29.22
N HIS A 16 -2.05 22.25 27.93
CA HIS A 16 -1.78 21.22 26.94
C HIS A 16 -0.30 21.08 26.64
N LYS A 17 0.57 21.55 27.53
CA LYS A 17 2.02 21.45 27.36
C LYS A 17 2.46 21.95 25.98
N SER A 18 1.84 23.01 25.51
N SER A 18 1.84 23.03 25.53
CA SER A 18 2.22 23.60 24.23
CA SER A 18 2.12 23.62 24.23
C SER A 18 2.37 25.12 24.39
C SER A 18 2.36 25.12 24.39
N GLN A 19 2.77 25.75 23.29
CA GLN A 19 3.01 27.18 23.25
C GLN A 19 2.47 27.72 21.92
N GLY A 20 1.93 28.91 21.96
CA GLY A 20 1.36 29.49 20.75
C GLY A 20 0.78 30.86 21.02
N VAL A 21 0.04 31.34 20.05
CA VAL A 21 -0.60 32.65 20.13
C VAL A 21 -2.01 32.53 19.55
N VAL A 22 -2.96 33.18 20.21
CA VAL A 22 -4.28 33.43 19.68
C VAL A 22 -4.41 34.93 19.50
N VAL A 23 -4.91 35.35 18.35
CA VAL A 23 -5.23 36.76 18.10
C VAL A 23 -6.71 36.83 17.75
N LEU A 24 -7.44 37.69 18.46
CA LEU A 24 -8.85 37.95 18.21
C LEU A 24 -9.01 39.42 17.81
N TRP A 25 -9.97 39.67 16.91
CA TRP A 25 -10.31 41.04 16.50
C TRP A 25 -11.82 41.20 16.52
N ASN A 26 -12.29 42.16 17.33
CA ASN A 26 -13.70 42.51 17.45
C ASN A 26 -14.02 43.53 16.36
N GLU A 27 -14.76 43.10 15.34
CA GLU A 27 -14.99 43.99 14.19
C GLU A 27 -15.81 45.21 14.58
N ASN A 28 -16.86 45.03 15.40
CA ASN A 28 -17.70 46.17 15.77
C ASN A 28 -16.89 47.24 16.51
N LYS A 29 -16.06 46.81 17.45
CA LYS A 29 -15.32 47.75 18.29
C LYS A 29 -13.95 48.09 17.74
N GLN A 30 -13.52 47.41 16.67
CA GLN A 30 -12.21 47.65 16.08
C GLN A 30 -11.11 47.53 17.14
N GLN A 31 -11.16 46.43 17.89
CA GLN A 31 -10.22 46.17 18.97
C GLN A 31 -9.65 44.77 18.86
N GLY A 32 -8.36 44.65 19.12
CA GLY A 32 -7.68 43.38 19.03
C GLY A 32 -7.22 42.87 20.39
N PHE A 33 -7.05 41.55 20.48
CA PHE A 33 -6.69 40.90 21.74
C PHE A 33 -5.77 39.73 21.43
N THR A 34 -4.72 39.58 22.24
CA THR A 34 -3.83 38.43 22.06
C THR A 34 -3.19 38.09 23.39
N ASN A 35 -2.73 36.83 23.49
CA ASN A 35 -1.98 36.40 24.66
C ASN A 35 -0.51 36.75 24.57
N ASN A 36 -0.02 37.09 23.38
CA ASN A 36 1.42 37.27 23.18
C ASN A 36 1.63 38.21 21.99
N LEU A 37 1.84 39.50 22.30
CA LEU A 37 2.02 40.49 21.25
C LEU A 37 3.21 40.19 20.35
N LYS A 38 4.31 39.68 20.92
CA LYS A 38 5.46 39.40 20.07
C LYS A 38 5.14 38.30 19.06
N ARG A 39 4.69 37.15 19.56
CA ARG A 39 4.44 36.02 18.66
C ARG A 39 3.32 36.33 17.68
N ALA A 40 2.36 37.17 18.08
CA ALA A 40 1.31 37.60 17.17
C ALA A 40 1.88 38.29 15.94
N ASN A 41 3.07 38.87 16.05
CA ASN A 41 3.70 39.57 14.94
C ASN A 41 4.92 38.83 14.39
N GLN A 42 5.17 37.61 14.83
CA GLN A 42 6.21 36.78 14.25
C GLN A 42 5.67 36.05 13.02
N ALA A 43 6.48 36.01 11.97
CA ALA A 43 6.06 35.51 10.67
C ALA A 43 6.42 34.03 10.51
N PHE A 44 5.44 33.22 10.15
CA PHE A 44 5.64 31.79 9.92
C PHE A 44 5.25 31.44 8.49
N LEU A 45 5.71 30.28 8.04
CA LEU A 45 5.18 29.72 6.81
C LEU A 45 3.66 29.62 6.92
N PRO A 46 2.91 30.03 5.91
CA PRO A 46 1.44 29.91 5.99
C PRO A 46 0.94 28.47 5.86
N ALA A 47 1.73 27.58 5.25
CA ALA A 47 1.35 26.19 4.95
C ALA A 47 -0.05 26.22 4.34
N SER A 48 -0.98 25.35 4.75
CA SER A 48 -2.24 25.22 4.06
C SER A 48 -3.18 26.41 4.29
N THR A 49 -2.86 27.35 5.18
CA THR A 49 -3.67 28.57 5.21
C THR A 49 -3.51 29.33 3.91
N PHE A 50 -2.47 29.04 3.14
CA PHE A 50 -2.26 29.69 1.85
C PHE A 50 -3.30 29.29 0.81
N KCX A 51 -4.08 28.26 1.11
CA KCX A 51 -5.10 27.82 0.17
CB KCX A 51 -5.67 26.47 0.60
CG KCX A 51 -4.70 25.30 0.36
CD KCX A 51 -5.33 23.95 0.67
CE KCX A 51 -4.36 22.79 0.43
NZ KCX A 51 -3.13 22.92 1.30
C KCX A 51 -6.22 28.88 0.04
O KCX A 51 -6.93 28.91 -0.96
CX KCX A 51 -1.96 23.36 0.82
OQ1 KCX A 51 -0.97 23.45 1.58
OQ2 KCX A 51 -1.83 23.67 -0.37
H KCX A 51 -4.04 27.79 1.84
HA KCX A 51 -4.71 27.70 -0.71
HB2 KCX A 51 -6.49 26.29 0.11
HG2 KCX A 51 -3.92 25.41 0.93
HD2 KCX A 51 -5.59 23.92 1.61
HE2 KCX A 51 -4.07 22.81 -0.50
N ILE A 52 -6.33 29.76 1.03
CA ILE A 52 -7.29 30.86 0.90
C ILE A 52 -6.85 31.79 -0.24
N PRO A 53 -5.68 32.43 -0.15
CA PRO A 53 -5.27 33.28 -1.28
C PRO A 53 -5.11 32.51 -2.58
N ASN A 54 -4.62 31.27 -2.51
CA ASN A 54 -4.43 30.47 -3.72
C ASN A 54 -5.78 30.23 -4.41
N SER A 55 -6.81 29.90 -3.64
CA SER A 55 -8.16 29.74 -4.21
C SER A 55 -8.64 31.02 -4.86
N LEU A 56 -8.48 32.15 -4.16
CA LEU A 56 -8.93 33.43 -4.71
C LEU A 56 -8.29 33.70 -6.06
N ILE A 57 -6.98 33.49 -6.14
CA ILE A 57 -6.24 33.78 -7.37
C ILE A 57 -6.66 32.81 -8.47
N ALA A 58 -6.79 31.52 -8.15
CA ALA A 58 -7.13 30.55 -9.17
C ALA A 58 -8.51 30.83 -9.75
N LEU A 59 -9.47 31.20 -8.89
CA LEU A 59 -10.80 31.54 -9.35
C LEU A 59 -10.80 32.79 -10.23
N ASP A 60 -10.08 33.83 -9.78
CA ASP A 60 -10.17 35.10 -10.48
C ASP A 60 -9.51 35.03 -11.86
N LEU A 61 -8.52 34.16 -12.02
CA LEU A 61 -7.85 34.00 -13.32
C LEU A 61 -8.52 32.94 -14.19
N GLY A 62 -9.58 32.28 -13.71
CA GLY A 62 -10.22 31.24 -14.48
C GLY A 62 -9.51 29.92 -14.47
N VAL A 63 -8.44 29.77 -13.69
CA VAL A 63 -7.82 28.47 -13.50
C VAL A 63 -8.82 27.50 -12.90
N VAL A 64 -9.64 27.98 -11.97
CA VAL A 64 -10.77 27.23 -11.42
C VAL A 64 -12.03 27.92 -11.90
N LYS A 65 -12.90 27.16 -12.56
CA LYS A 65 -14.14 27.71 -13.12
C LYS A 65 -15.12 28.08 -12.01
N ASP A 66 -15.35 27.15 -11.08
CA ASP A 66 -16.30 27.35 -10.00
C ASP A 66 -16.05 26.27 -8.97
N GLU A 67 -16.87 26.27 -7.91
CA GLU A 67 -16.67 25.35 -6.79
C GLU A 67 -17.10 23.92 -7.11
N HIS A 68 -17.65 23.68 -8.31
CA HIS A 68 -18.08 22.35 -8.75
C HIS A 68 -17.11 21.66 -9.68
N GLN A 69 -16.21 22.40 -10.32
CA GLN A 69 -15.24 21.80 -11.23
C GLN A 69 -14.48 20.69 -10.52
N VAL A 70 -14.36 19.55 -11.18
CA VAL A 70 -13.74 18.37 -10.60
C VAL A 70 -12.27 18.36 -10.99
N PHE A 71 -11.40 18.22 -9.99
CA PHE A 71 -9.97 18.06 -10.20
C PHE A 71 -9.66 16.60 -10.00
N LYS A 72 -9.39 15.91 -11.10
CA LYS A 72 -9.26 14.45 -11.06
C LYS A 72 -7.99 14.06 -10.31
N TRP A 73 -8.10 13.07 -9.44
CA TRP A 73 -6.90 12.48 -8.83
C TRP A 73 -5.93 12.04 -9.91
N ASP A 74 -4.65 12.37 -9.72
CA ASP A 74 -3.64 12.02 -10.71
C ASP A 74 -3.22 10.56 -10.65
N GLY A 75 -3.88 9.75 -9.83
CA GLY A 75 -3.57 8.34 -9.76
C GLY A 75 -2.33 7.99 -8.98
N GLN A 76 -1.66 8.95 -8.39
CA GLN A 76 -0.50 8.67 -7.55
C GLN A 76 -0.96 8.50 -6.11
N THR A 77 -0.73 7.31 -5.57
CA THR A 77 -1.14 7.02 -4.20
C THR A 77 -0.30 7.86 -3.24
N ARG A 78 -0.98 8.67 -2.45
CA ARG A 78 -0.32 9.46 -1.41
C ARG A 78 -0.76 8.96 -0.03
N ASP A 79 -0.03 9.37 1.00
CA ASP A 79 -0.23 8.77 2.32
C ASP A 79 -1.41 9.34 3.08
N ILE A 80 -2.09 10.34 2.54
CA ILE A 80 -3.34 10.84 3.11
C ILE A 80 -4.47 10.31 2.25
N ALA A 81 -5.27 9.40 2.81
CA ALA A 81 -6.26 8.67 2.01
C ALA A 81 -7.20 9.62 1.29
N THR A 82 -7.67 10.66 1.97
CA THR A 82 -8.63 11.58 1.35
C THR A 82 -8.05 12.32 0.16
N TRP A 83 -6.73 12.32 -0.01
CA TRP A 83 -6.13 12.94 -1.19
C TRP A 83 -6.22 12.05 -2.43
N ASN A 84 -6.44 10.74 -2.26
CA ASN A 84 -6.43 9.80 -3.37
C ASN A 84 -7.85 9.64 -3.95
N ARG A 85 -8.39 10.77 -4.40
CA ARG A 85 -9.73 10.80 -4.95
C ARG A 85 -9.93 12.12 -5.67
N ASP A 86 -11.01 12.19 -6.46
CA ASP A 86 -11.36 13.42 -7.14
C ASP A 86 -11.82 14.47 -6.12
N HIS A 87 -11.59 15.74 -6.45
CA HIS A 87 -11.97 16.84 -5.57
C HIS A 87 -12.55 18.00 -6.37
N ASN A 88 -13.36 18.80 -5.68
CA ASN A 88 -13.70 20.13 -6.12
C ASN A 88 -13.11 21.12 -5.12
N LEU A 89 -13.40 22.40 -5.31
CA LEU A 89 -12.82 23.42 -4.44
C LEU A 89 -13.24 23.22 -2.99
N ILE A 90 -14.50 22.85 -2.77
CA ILE A 90 -15.01 22.69 -1.41
C ILE A 90 -14.27 21.57 -0.68
N THR A 91 -14.20 20.38 -1.30
CA THR A 91 -13.58 19.24 -0.64
C THR A 91 -12.06 19.38 -0.59
N ALA A 92 -11.45 19.98 -1.62
CA ALA A 92 -10.01 20.22 -1.59
C ALA A 92 -9.61 21.13 -0.43
N MET A 93 -10.44 22.13 -0.14
CA MET A 93 -10.19 22.97 1.03
C MET A 93 -10.45 22.19 2.31
N LYS A 94 -11.57 21.47 2.37
CA LYS A 94 -11.93 20.72 3.56
C LYS A 94 -10.82 19.75 3.95
N TYR A 95 -10.25 19.05 2.97
CA TYR A 95 -9.24 18.04 3.25
C TYR A 95 -7.82 18.54 2.98
N SER A 96 -7.66 19.85 2.76
CA SER A 96 -6.36 20.48 2.58
C SER A 96 -5.52 19.69 1.58
N VAL A 97 -6.08 19.49 0.38
CA VAL A 97 -5.49 18.60 -0.59
C VAL A 97 -4.35 19.31 -1.32
N VAL A 98 -3.14 19.17 -0.77
CA VAL A 98 -1.98 19.87 -1.31
C VAL A 98 -1.80 19.67 -2.81
N PRO A 99 -1.84 18.44 -3.34
CA PRO A 99 -1.51 18.28 -4.77
C PRO A 99 -2.46 19.01 -5.70
N VAL A 100 -3.73 19.18 -5.32
CA VAL A 100 -4.64 19.97 -6.14
C VAL A 100 -4.17 21.42 -6.19
N TYR A 101 -3.81 21.98 -5.03
CA TYR A 101 -3.39 23.38 -4.99
C TYR A 101 -1.99 23.57 -5.58
N GLN A 102 -1.15 22.55 -5.56
CA GLN A 102 0.12 22.65 -6.26
C GLN A 102 -0.09 22.84 -7.76
N GLU A 103 -1.07 22.13 -8.33
CA GLU A 103 -1.38 22.32 -9.74
C GLU A 103 -1.96 23.70 -10.00
N PHE A 104 -2.84 24.20 -9.11
CA PHE A 104 -3.31 25.59 -9.24
C PHE A 104 -2.13 26.54 -9.40
N ALA A 105 -1.15 26.41 -8.51
CA ALA A 105 -0.04 27.36 -8.49
C ALA A 105 0.78 27.26 -9.78
N ARG A 106 0.98 26.04 -10.28
CA ARG A 106 1.67 25.87 -11.56
C ARG A 106 0.94 26.58 -12.68
N GLN A 107 -0.40 26.47 -12.71
CA GLN A 107 -1.17 27.14 -13.76
C GLN A 107 -1.24 28.64 -13.54
N ILE A 108 -1.29 29.09 -12.29
CA ILE A 108 -1.22 30.53 -12.03
C ILE A 108 0.10 31.09 -12.53
N GLY A 109 1.20 30.44 -12.17
CA GLY A 109 2.52 30.88 -12.59
C GLY A 109 3.12 31.90 -11.65
N GLU A 110 4.45 32.01 -11.72
CA GLU A 110 5.20 32.83 -10.77
C GLU A 110 4.78 34.30 -10.85
N ALA A 111 4.70 34.85 -12.06
CA ALA A 111 4.50 36.29 -12.20
C ALA A 111 3.13 36.70 -11.67
N ARG A 112 2.08 36.01 -12.10
CA ARG A 112 0.74 36.36 -11.64
C ARG A 112 0.57 36.09 -10.15
N MET A 113 1.19 35.02 -9.64
CA MET A 113 1.11 34.75 -8.21
C MET A 113 1.74 35.90 -7.42
N SER A 114 2.91 36.35 -7.85
CA SER A 114 3.62 37.41 -7.13
C SER A 114 2.82 38.71 -7.15
N LYS A 115 2.31 39.11 -8.31
CA LYS A 115 1.52 40.33 -8.41
C LYS A 115 0.30 40.27 -7.51
N MET A 116 -0.42 39.15 -7.52
CA MET A 116 -1.66 39.06 -6.76
C MET A 116 -1.38 39.10 -5.25
N LEU A 117 -0.32 38.45 -4.78
CA LEU A 117 -0.03 38.50 -3.36
C LEU A 117 0.37 39.91 -2.93
N HIS A 118 1.07 40.64 -3.80
CA HIS A 118 1.32 42.05 -3.49
C HIS A 118 0.02 42.85 -3.48
N ALA A 119 -0.86 42.62 -4.45
CA ALA A 119 -2.15 43.29 -4.45
C ALA A 119 -2.93 42.98 -3.18
N PHE A 120 -2.82 41.75 -2.67
CA PHE A 120 -3.46 41.35 -1.42
C PHE A 120 -2.74 41.88 -0.18
N ASP A 121 -1.53 42.43 -0.33
CA ASP A 121 -0.75 42.83 0.84
C ASP A 121 -0.52 41.63 1.76
N TYR A 122 -0.35 40.46 1.16
CA TYR A 122 -0.36 39.19 1.88
C TYR A 122 1.04 38.89 2.43
N GLY A 123 1.19 38.98 3.75
CA GLY A 123 2.41 38.56 4.41
C GLY A 123 3.59 39.35 3.90
N ASN A 124 4.71 38.67 3.73
CA ASN A 124 5.89 39.32 3.16
C ASN A 124 5.86 39.31 1.64
N GLU A 125 4.79 38.77 1.03
CA GLU A 125 4.56 38.86 -0.40
C GLU A 125 5.70 38.23 -1.21
N ASP A 126 6.44 37.31 -0.62
CA ASP A 126 7.66 36.76 -1.21
C ASP A 126 7.42 35.29 -1.57
N ILE A 127 7.40 35.01 -2.87
CA ILE A 127 7.14 33.65 -3.36
C ILE A 127 8.45 32.92 -3.68
N SER A 128 9.59 33.42 -3.20
CA SER A 128 10.85 32.78 -3.51
C SER A 128 10.78 31.29 -3.17
N GLY A 129 11.31 30.48 -4.07
CA GLY A 129 11.21 29.03 -3.98
C GLY A 129 10.52 28.46 -5.19
N ASN A 130 10.11 27.21 -5.05
CA ASN A 130 9.41 26.52 -6.13
C ASN A 130 7.96 26.98 -6.18
N VAL A 131 7.49 27.31 -7.39
CA VAL A 131 6.15 27.84 -7.53
C VAL A 131 5.10 26.88 -6.99
N ASP A 132 5.37 25.56 -7.01
CA ASP A 132 4.39 24.60 -6.54
C ASP A 132 4.63 24.18 -5.10
N SER A 133 5.46 24.90 -4.34
CA SER A 133 5.63 24.53 -2.94
C SER A 133 6.11 25.67 -2.05
N PHE A 134 6.14 26.90 -2.55
CA PHE A 134 6.79 27.98 -1.78
C PHE A 134 6.07 28.25 -0.47
N TRP A 135 4.76 28.04 -0.41
CA TRP A 135 4.02 28.23 0.84
C TRP A 135 4.29 27.10 1.83
N LEU A 136 4.99 26.05 1.43
CA LEU A 136 5.37 24.97 2.33
C LEU A 136 6.85 24.99 2.70
N ASP A 137 7.74 25.42 1.78
CA ASP A 137 9.16 25.44 2.09
C ASP A 137 9.92 26.54 1.36
N GLY A 138 9.24 27.57 0.90
CA GLY A 138 9.86 28.69 0.23
C GLY A 138 9.98 29.89 1.16
N GLY A 139 10.01 31.07 0.57
CA GLY A 139 10.33 32.28 1.30
C GLY A 139 9.15 33.04 1.87
N ILE A 140 7.92 32.63 1.59
CA ILE A 140 6.75 33.38 2.02
C ILE A 140 6.54 33.20 3.52
N ARG A 141 6.14 34.28 4.19
CA ARG A 141 5.91 34.28 5.62
C ARG A 141 4.73 35.20 5.93
N ILE A 142 3.98 34.84 6.97
CA ILE A 142 2.85 35.67 7.40
C ILE A 142 2.67 35.51 8.91
N SER A 143 2.33 36.61 9.58
CA SER A 143 2.06 36.63 11.01
C SER A 143 0.57 36.46 11.28
N ALA A 144 0.25 36.15 12.55
CA ALA A 144 -1.14 36.02 12.95
C ALA A 144 -1.89 37.33 12.74
N THR A 145 -1.28 38.47 13.10
CA THR A 145 -1.96 39.75 12.86
C THR A 145 -2.11 40.02 11.37
N GLU A 146 -1.13 39.63 10.56
CA GLU A 146 -1.28 39.82 9.12
C GLU A 146 -2.35 38.92 8.53
N GLN A 147 -2.56 37.73 9.09
CA GLN A 147 -3.67 36.88 8.66
C GLN A 147 -4.99 37.59 8.88
N ILE A 148 -5.15 38.20 10.05
CA ILE A 148 -6.42 38.89 10.37
C ILE A 148 -6.63 40.05 9.42
N SER A 149 -5.58 40.83 9.15
CA SER A 149 -5.70 41.94 8.20
C SER A 149 -6.19 41.44 6.85
N PHE A 150 -5.65 40.30 6.39
CA PHE A 150 -6.05 39.74 5.10
C PHE A 150 -7.48 39.22 5.15
N LEU A 151 -7.85 38.52 6.23
CA LEU A 151 -9.21 37.97 6.33
C LEU A 151 -10.25 39.08 6.40
N ARG A 152 -9.96 40.18 7.10
CA ARG A 152 -10.92 41.26 7.19
C ARG A 152 -11.24 41.82 5.81
N LYS A 153 -10.23 41.96 4.95
CA LYS A 153 -10.47 42.40 3.58
C LYS A 153 -11.35 41.40 2.84
N LEU A 154 -11.06 40.11 2.97
CA LEU A 154 -11.88 39.09 2.33
C LEU A 154 -13.33 39.18 2.81
N TYR A 155 -13.52 39.28 4.13
CA TYR A 155 -14.89 39.36 4.65
C TYR A 155 -15.67 40.49 4.01
N HIS A 156 -15.02 41.65 3.85
CA HIS A 156 -15.68 42.84 3.32
C HIS A 156 -15.62 42.91 1.80
N ASN A 157 -15.16 41.85 1.13
CA ASN A 157 -15.04 41.81 -0.32
C ASN A 157 -14.14 42.93 -0.84
N LYS A 158 -13.13 43.31 -0.06
CA LYS A 158 -12.27 44.42 -0.41
C LYS A 158 -10.97 43.98 -1.08
N LEU A 159 -10.72 42.68 -1.20
CA LEU A 159 -9.52 42.25 -1.90
C LEU A 159 -9.66 42.55 -3.39
N HIS A 160 -8.51 42.72 -4.06
CA HIS A 160 -8.50 43.14 -5.46
C HIS A 160 -8.70 41.93 -6.38
N VAL A 161 -9.81 41.23 -6.13
CA VAL A 161 -10.36 40.23 -7.03
C VAL A 161 -11.87 40.44 -7.05
N SER A 162 -12.56 39.70 -7.92
CA SER A 162 -14.00 39.92 -8.07
C SER A 162 -14.74 39.54 -6.79
N GLU A 163 -15.91 40.16 -6.60
CA GLU A 163 -16.79 39.76 -5.51
C GLU A 163 -17.12 38.27 -5.60
N ARG A 164 -17.36 37.76 -6.80
CA ARG A 164 -17.70 36.35 -6.97
C ARG A 164 -16.59 35.45 -6.43
N SER A 165 -15.33 35.74 -6.80
CA SER A 165 -14.22 34.95 -6.30
C SER A 165 -14.19 34.95 -4.77
N GLN A 166 -14.45 36.10 -4.16
CA GLN A 166 -14.41 36.18 -2.71
C GLN A 166 -15.57 35.42 -2.08
N ARG A 167 -16.77 35.53 -2.67
CA ARG A 167 -17.92 34.77 -2.15
C ARG A 167 -17.66 33.27 -2.24
N ILE A 168 -17.09 32.80 -3.35
CA ILE A 168 -16.85 31.36 -3.49
C ILE A 168 -15.85 30.89 -2.45
N VAL A 169 -14.76 31.63 -2.24
CA VAL A 169 -13.76 31.19 -1.27
C VAL A 169 -14.35 31.20 0.13
N LYS A 170 -15.16 32.20 0.47
CA LYS A 170 -15.77 32.20 1.79
C LYS A 170 -16.74 31.04 1.96
N GLN A 171 -17.44 30.66 0.87
CA GLN A 171 -18.23 29.44 0.92
C GLN A 171 -17.35 28.23 1.20
N ALA A 172 -16.23 28.12 0.49
CA ALA A 172 -15.33 26.99 0.68
C ALA A 172 -14.69 26.98 2.06
N MET A 173 -14.60 28.13 2.72
CA MET A 173 -14.04 28.19 4.07
C MET A 173 -15.02 27.72 5.14
N LEU A 174 -16.27 27.48 4.79
CA LEU A 174 -17.26 27.10 5.77
C LEU A 174 -16.78 25.89 6.54
N THR A 175 -16.70 26.02 7.86
CA THR A 175 -16.22 24.95 8.74
C THR A 175 -17.28 24.44 9.70
N GLU A 176 -18.06 25.34 10.28
CA GLU A 176 -19.04 24.97 11.28
C GLU A 176 -20.16 26.00 11.29
N ALA A 177 -21.39 25.52 11.51
CA ALA A 177 -22.53 26.43 11.57
C ALA A 177 -23.61 25.77 12.41
N ASN A 178 -24.21 26.56 13.31
CA ASN A 178 -25.34 26.13 14.11
C ASN A 178 -26.19 27.37 14.40
N GLY A 179 -27.15 27.23 15.32
CA GLY A 179 -28.01 28.35 15.65
C GLY A 179 -27.34 29.47 16.41
N ASP A 180 -26.10 29.28 16.85
CA ASP A 180 -25.39 30.28 17.64
C ASP A 180 -24.31 31.03 16.86
N TYR A 181 -23.66 30.40 15.90
CA TYR A 181 -22.55 31.03 15.21
C TYR A 181 -22.23 30.27 13.94
N ILE A 182 -21.47 30.92 13.07
CA ILE A 182 -20.88 30.34 11.87
C ILE A 182 -19.38 30.56 11.95
N ILE A 183 -18.59 29.52 11.69
CA ILE A 183 -17.14 29.66 11.58
C ILE A 183 -16.74 29.39 10.14
N ARG A 184 -16.07 30.37 9.54
CA ARG A 184 -15.38 30.19 8.27
C ARG A 184 -13.88 30.31 8.53
N ALA A 185 -13.11 29.30 8.11
CA ALA A 185 -11.72 29.23 8.55
C ALA A 185 -10.93 28.26 7.70
N LYS A 186 -9.61 28.24 7.93
CA LYS A 186 -8.72 27.30 7.26
C LYS A 186 -7.60 26.91 8.21
N THR A 187 -7.35 25.60 8.31
CA THR A 187 -6.24 25.08 9.09
C THR A 187 -4.95 25.12 8.27
N GLY A 188 -3.84 25.05 8.99
CA GLY A 188 -2.53 24.93 8.38
C GLY A 188 -1.65 24.08 9.25
N TYR A 189 -0.67 23.42 8.62
CA TYR A 189 0.26 22.53 9.30
C TYR A 189 1.61 22.63 8.60
N SER A 190 2.57 23.31 9.22
CA SER A 190 3.87 23.57 8.64
C SER A 190 4.92 22.66 9.28
N THR A 191 5.55 21.79 8.48
CA THR A 191 6.56 20.86 8.97
C THR A 191 7.92 20.98 8.30
N ARG A 192 8.01 21.61 7.13
CA ARG A 192 9.24 21.60 6.34
C ARG A 192 10.29 22.58 6.85
N ILE A 193 9.88 23.59 7.61
CA ILE A 193 10.79 24.61 8.13
C ILE A 193 10.54 24.73 9.62
N GLU A 194 11.60 24.75 10.42
CA GLU A 194 11.42 24.91 11.85
C GLU A 194 11.02 26.36 12.15
N PRO A 195 10.23 26.58 13.21
CA PRO A 195 9.61 25.57 14.06
C PRO A 195 8.34 25.00 13.42
N LYS A 196 8.10 23.71 13.60
CA LYS A 196 6.86 23.13 13.12
C LYS A 196 5.69 23.73 13.89
N ILE A 197 4.66 24.19 13.16
CA ILE A 197 3.51 24.83 13.76
C ILE A 197 2.22 24.38 13.09
N GLY A 198 1.12 24.57 13.81
CA GLY A 198 -0.21 24.48 13.26
C GLY A 198 -0.85 25.86 13.25
N TRP A 199 -1.72 26.10 12.27
CA TRP A 199 -2.49 27.32 12.14
C TRP A 199 -3.98 27.00 12.23
N TRP A 200 -4.76 27.98 12.69
CA TRP A 200 -6.19 28.04 12.39
C TRP A 200 -6.54 29.52 12.28
N VAL A 201 -7.03 29.93 11.13
CA VAL A 201 -7.35 31.33 10.86
C VAL A 201 -8.74 31.39 10.25
N GLY A 202 -9.48 32.44 10.58
CA GLY A 202 -10.82 32.60 10.06
C GLY A 202 -11.59 33.61 10.89
N TRP A 203 -12.90 33.36 11.01
CA TRP A 203 -13.73 34.25 11.81
C TRP A 203 -14.97 33.53 12.27
N VAL A 204 -15.60 34.13 13.30
CA VAL A 204 -16.84 33.68 13.88
C VAL A 204 -17.90 34.72 13.56
N GLU A 205 -18.95 34.31 12.86
CA GLU A 205 -20.07 35.20 12.56
C GLU A 205 -21.14 35.04 13.63
N LEU A 206 -21.52 36.15 14.26
CA LEU A 206 -22.63 36.22 15.17
C LEU A 206 -23.76 37.02 14.53
N ASP A 207 -24.91 37.05 15.22
CA ASP A 207 -26.04 37.83 14.71
C ASP A 207 -25.66 39.29 14.49
N ASP A 208 -24.87 39.87 15.40
CA ASP A 208 -24.63 41.32 15.38
C ASP A 208 -23.15 41.70 15.47
N ASN A 209 -22.24 40.78 15.16
CA ASN A 209 -20.82 41.09 15.14
C ASN A 209 -20.10 39.96 14.44
N VAL A 210 -18.84 40.21 14.09
CA VAL A 210 -17.95 39.18 13.59
C VAL A 210 -16.64 39.29 14.35
N TRP A 211 -16.14 38.14 14.82
CA TRP A 211 -14.85 38.04 15.50
C TRP A 211 -13.86 37.33 14.59
N PHE A 212 -12.83 38.05 14.15
CA PHE A 212 -11.76 37.43 13.39
C PHE A 212 -10.74 36.80 14.33
N PHE A 213 -10.16 35.69 13.90
CA PHE A 213 -9.16 35.02 14.71
C PHE A 213 -8.06 34.46 13.84
N ALA A 214 -6.87 34.40 14.44
CA ALA A 214 -5.71 33.75 13.86
C ALA A 214 -4.88 33.20 14.99
N MET A 215 -4.60 31.90 14.95
CA MET A 215 -3.78 31.27 15.97
C MET A 215 -2.72 30.43 15.27
N ASN A 216 -1.54 30.37 15.90
CA ASN A 216 -0.59 29.34 15.53
C ASN A 216 0.01 28.79 16.82
N MET A 217 0.52 27.56 16.74
CA MET A 217 1.02 26.90 17.93
C MET A 217 2.09 25.88 17.52
N ASP A 218 3.05 25.67 18.43
CA ASP A 218 4.06 24.65 18.19
C ASP A 218 3.39 23.29 18.00
N MET A 219 3.88 22.55 17.01
CA MET A 219 3.30 21.28 16.60
C MET A 219 4.43 20.30 16.33
N PRO A 220 5.10 19.82 17.39
CA PRO A 220 6.23 18.91 17.19
C PRO A 220 5.84 17.58 16.55
N THR A 221 4.60 17.13 16.75
CA THR A 221 4.09 15.93 16.09
C THR A 221 2.65 16.17 15.68
N SER A 222 2.21 15.38 14.70
CA SER A 222 0.83 15.49 14.22
C SER A 222 -0.19 15.14 15.30
N ASP A 223 0.24 14.56 16.43
CA ASP A 223 -0.70 14.15 17.46
C ASP A 223 -1.50 15.32 18.00
N GLY A 224 -0.95 16.53 17.98
CA GLY A 224 -1.59 17.68 18.57
C GLY A 224 -2.44 18.52 17.64
N LEU A 225 -2.67 18.08 16.40
CA LEU A 225 -3.34 18.94 15.43
C LEU A 225 -4.73 19.36 15.89
N GLY A 226 -5.43 18.48 16.60
CA GLY A 226 -6.76 18.83 17.09
C GLY A 226 -6.77 19.98 18.05
N LEU A 227 -5.61 20.30 18.66
CA LEU A 227 -5.54 21.42 19.60
C LEU A 227 -5.68 22.77 18.92
N ARG A 228 -5.44 22.83 17.60
CA ARG A 228 -5.62 24.10 16.91
C ARG A 228 -7.05 24.62 17.10
N GLN A 229 -8.04 23.79 16.80
CA GLN A 229 -9.42 24.20 16.98
C GLN A 229 -9.80 24.23 18.45
N ALA A 230 -9.31 23.26 19.22
CA ALA A 230 -9.74 23.12 20.61
C ALA A 230 -9.32 24.34 21.44
N ILE A 231 -8.05 24.74 21.32
CA ILE A 231 -7.57 25.88 22.08
C ILE A 231 -8.31 27.15 21.67
N THR A 232 -8.45 27.36 20.37
CA THR A 232 -9.16 28.53 19.87
C THR A 232 -10.57 28.60 20.45
N LYS A 233 -11.29 27.48 20.44
CA LYS A 233 -12.66 27.49 20.93
C LYS A 233 -12.73 27.72 22.44
N GLU A 234 -11.71 27.25 23.18
CA GLU A 234 -11.68 27.52 24.61
C GLU A 234 -11.50 29.00 24.88
N VAL A 235 -10.72 29.68 24.04
CA VAL A 235 -10.58 31.13 24.18
C VAL A 235 -11.89 31.80 23.82
N LEU A 236 -12.50 31.39 22.70
CA LEU A 236 -13.79 31.96 22.34
C LEU A 236 -14.81 31.78 23.45
N LYS A 237 -14.85 30.60 24.07
CA LYS A 237 -15.78 30.36 25.16
C LYS A 237 -15.47 31.26 26.35
N GLN A 238 -14.19 31.34 26.74
CA GLN A 238 -13.81 32.19 27.87
C GLN A 238 -14.27 33.62 27.63
N GLU A 239 -14.10 34.13 26.41
CA GLU A 239 -14.49 35.50 26.12
C GLU A 239 -15.97 35.61 25.80
N LYS A 240 -16.75 34.55 26.02
CA LYS A 240 -18.19 34.57 25.83
C LYS A 240 -18.57 34.90 24.38
N ILE A 241 -17.67 34.61 23.45
CA ILE A 241 -17.98 34.79 22.04
C ILE A 241 -18.87 33.64 21.55
N ILE A 242 -18.63 32.42 22.03
CA ILE A 242 -19.51 31.29 21.74
C ILE A 242 -19.90 30.63 23.06
N PRO A 243 -21.06 29.95 23.14
CA PRO A 243 -21.45 29.24 24.37
C PRO A 243 -20.54 28.05 24.69
N GLU B 2 22.50 -15.72 -15.22
CA GLU B 2 23.38 -14.74 -14.61
C GLU B 2 22.73 -14.13 -13.38
N TRP B 3 21.42 -14.30 -13.26
CA TRP B 3 20.66 -13.84 -12.10
C TRP B 3 19.99 -15.03 -11.46
N GLN B 4 20.13 -15.14 -10.14
CA GLN B 4 19.58 -16.25 -9.37
C GLN B 4 18.73 -15.68 -8.25
N GLU B 5 17.55 -16.28 -8.04
CA GLU B 5 16.63 -15.82 -7.01
C GLU B 5 16.74 -16.77 -5.82
N ASN B 6 16.96 -16.21 -4.64
CA ASN B 6 17.14 -16.95 -3.40
C ASN B 6 16.10 -16.45 -2.41
N LYS B 7 14.91 -17.07 -2.41
CA LYS B 7 13.84 -16.61 -1.54
C LYS B 7 14.11 -16.87 -0.07
N SER B 8 15.11 -17.69 0.26
CA SER B 8 15.44 -17.90 1.66
C SER B 8 15.88 -16.62 2.34
N TRP B 9 16.40 -15.65 1.57
CA TRP B 9 16.74 -14.35 2.12
C TRP B 9 15.51 -13.58 2.60
N ASN B 10 14.32 -13.89 2.08
CA ASN B 10 13.11 -13.25 2.55
C ASN B 10 12.96 -13.39 4.07
N ALA B 11 13.58 -14.42 4.65
CA ALA B 11 13.53 -14.57 6.09
C ALA B 11 14.11 -13.36 6.81
N HIS B 12 15.15 -12.74 6.23
CA HIS B 12 15.78 -11.60 6.89
C HIS B 12 14.86 -10.39 6.93
N PHE B 13 13.92 -10.30 5.99
CA PHE B 13 12.91 -9.24 6.06
C PHE B 13 11.77 -9.65 6.97
N THR B 14 11.27 -10.89 6.80
CA THR B 14 10.17 -11.38 7.62
C THR B 14 10.48 -11.27 9.11
N GLU B 15 11.71 -11.65 9.50
CA GLU B 15 12.08 -11.65 10.91
C GLU B 15 11.96 -10.25 11.53
N HIS B 16 12.18 -9.20 10.75
CA HIS B 16 12.03 -7.83 11.22
C HIS B 16 10.67 -7.25 10.85
N LYS B 17 9.68 -8.09 10.54
CA LYS B 17 8.35 -7.62 10.17
C LYS B 17 8.42 -6.59 9.04
N SER B 18 9.32 -6.84 8.08
CA SER B 18 9.60 -5.92 7.00
C SER B 18 9.41 -6.60 5.64
N GLN B 19 9.51 -5.79 4.59
CA GLN B 19 9.44 -6.27 3.21
C GLN B 19 10.45 -5.49 2.40
N GLY B 20 11.15 -6.16 1.50
CA GLY B 20 12.13 -5.47 0.69
C GLY B 20 12.85 -6.42 -0.23
N VAL B 21 13.93 -5.90 -0.81
CA VAL B 21 14.76 -6.64 -1.74
C VAL B 21 16.22 -6.35 -1.43
N VAL B 22 17.05 -7.38 -1.48
CA VAL B 22 18.50 -7.25 -1.51
C VAL B 22 18.96 -7.80 -2.86
N VAL B 23 19.84 -7.06 -3.50
CA VAL B 23 20.47 -7.51 -4.74
C VAL B 23 21.98 -7.52 -4.50
N LEU B 24 22.61 -8.67 -4.75
CA LEU B 24 24.06 -8.82 -4.67
C LEU B 24 24.63 -9.16 -6.03
N TRP B 25 25.84 -8.64 -6.28
CA TRP B 25 26.54 -8.92 -7.53
C TRP B 25 27.98 -9.31 -7.20
N ASN B 26 28.35 -10.52 -7.59
CA ASN B 26 29.71 -11.03 -7.44
C ASN B 26 30.53 -10.60 -8.65
N GLU B 27 31.45 -9.65 -8.46
CA GLU B 27 32.14 -9.09 -9.60
C GLU B 27 33.04 -10.12 -10.29
N ASN B 28 33.77 -10.93 -9.50
CA ASN B 28 34.68 -11.89 -10.12
C ASN B 28 33.91 -12.87 -11.00
N LYS B 29 32.79 -13.37 -10.51
CA LYS B 29 32.01 -14.38 -11.21
C LYS B 29 30.96 -13.81 -12.13
N GLN B 30 30.74 -12.49 -12.09
CA GLN B 30 29.73 -11.86 -12.93
C GLN B 30 28.37 -12.55 -12.76
N GLN B 31 27.98 -12.73 -11.51
CA GLN B 31 26.74 -13.41 -11.16
C GLN B 31 25.98 -12.59 -10.14
N GLY B 32 24.67 -12.48 -10.32
CA GLY B 32 23.83 -11.71 -9.41
C GLY B 32 22.88 -12.58 -8.60
N PHE B 33 22.43 -12.06 -7.47
CA PHE B 33 21.59 -12.80 -6.54
C PHE B 33 20.60 -11.86 -5.88
N THR B 34 19.35 -12.28 -5.76
CA THR B 34 18.35 -11.46 -5.10
C THR B 34 17.27 -12.35 -4.51
N ASN B 35 16.56 -11.81 -3.51
CA ASN B 35 15.43 -12.52 -2.93
C ASN B 35 14.15 -12.31 -3.71
N ASN B 36 14.08 -11.30 -4.58
CA ASN B 36 12.82 -10.94 -5.22
C ASN B 36 13.13 -10.28 -6.55
N LEU B 37 13.11 -11.08 -7.62
CA LEU B 37 13.46 -10.56 -8.93
C LEU B 37 12.55 -9.42 -9.35
N LYS B 38 11.25 -9.52 -9.04
CA LYS B 38 10.34 -8.44 -9.43
C LYS B 38 10.72 -7.15 -8.72
N ARG B 39 10.79 -7.18 -7.39
CA ARG B 39 11.10 -5.94 -6.67
C ARG B 39 12.50 -5.44 -6.98
N ALA B 40 13.42 -6.34 -7.32
CA ALA B 40 14.76 -5.93 -7.74
C ALA B 40 14.70 -5.01 -8.95
N ASN B 41 13.67 -5.14 -9.78
CA ASN B 41 13.54 -4.34 -10.99
C ASN B 41 12.42 -3.30 -10.92
N GLN B 42 11.81 -3.12 -9.75
CA GLN B 42 10.86 -2.05 -9.56
C GLN B 42 11.58 -0.75 -9.24
N ALA B 43 11.12 0.34 -9.84
CA ALA B 43 11.81 1.63 -9.76
C ALA B 43 11.24 2.49 -8.63
N PHE B 44 12.12 3.01 -7.78
CA PHE B 44 11.74 3.88 -6.69
C PHE B 44 12.49 5.21 -6.81
N LEU B 45 11.98 6.21 -6.10
CA LEU B 45 12.75 7.43 -5.90
C LEU B 45 14.10 7.09 -5.31
N PRO B 46 15.20 7.66 -5.81
CA PRO B 46 16.51 7.36 -5.22
C PRO B 46 16.72 8.01 -3.86
N ALA B 47 15.99 9.08 -3.55
CA ALA B 47 16.19 9.88 -2.33
C ALA B 47 17.69 10.13 -2.20
N SER B 48 18.28 9.97 -1.01
CA SER B 48 19.66 10.40 -0.80
C SER B 48 20.69 9.51 -1.48
N THR B 49 20.33 8.37 -2.07
CA THR B 49 21.31 7.68 -2.90
C THR B 49 21.68 8.51 -4.11
N PHE B 50 20.87 9.49 -4.46
CA PHE B 50 21.15 10.38 -5.57
C PHE B 50 22.35 11.27 -5.28
N KCX B 51 22.79 11.32 -4.02
CA KCX B 51 23.95 12.17 -3.69
CB KCX B 51 24.10 12.27 -2.17
CG KCX B 51 23.02 13.19 -1.54
CD KCX B 51 23.26 13.45 -0.06
CE KCX B 51 22.21 14.38 0.53
NZ KCX B 51 20.83 13.81 0.44
C KCX B 51 25.21 11.62 -4.36
O KCX B 51 26.15 12.36 -4.62
CX KCX B 51 19.95 14.20 -0.50
OQ1 KCX B 51 20.26 15.07 -1.32
OQ2 KCX B 51 18.81 13.68 -0.53
H KCX B 51 22.45 10.88 -3.36
HA KCX B 51 23.79 13.06 -4.03
HB2 KCX B 51 24.97 12.65 -1.97
HG2 KCX B 51 22.16 12.76 -1.63
HD2 KCX B 51 23.22 12.61 0.42
HE2 KCX B 51 22.22 15.22 0.05
N ILE B 52 25.22 10.33 -4.71
CA ILE B 52 26.35 9.79 -5.45
C ILE B 52 26.47 10.50 -6.82
N PRO B 53 25.48 10.36 -7.70
CA PRO B 53 25.60 11.05 -9.00
C PRO B 53 25.67 12.57 -8.87
N ASN B 54 24.92 13.15 -7.94
CA ASN B 54 24.93 14.59 -7.75
C ASN B 54 26.34 15.07 -7.40
N SER B 55 27.01 14.34 -6.50
CA SER B 55 28.39 14.68 -6.15
C SER B 55 29.29 14.62 -7.38
N LEU B 56 29.17 13.55 -8.16
CA LEU B 56 30.00 13.38 -9.35
C LEU B 56 29.84 14.56 -10.30
N ILE B 57 28.59 14.96 -10.54
CA ILE B 57 28.34 16.03 -11.49
C ILE B 57 28.86 17.35 -10.94
N ALA B 58 28.63 17.61 -9.66
CA ALA B 58 29.08 18.87 -9.07
C ALA B 58 30.59 18.97 -9.14
N LEU B 59 31.29 17.87 -8.83
CA LEU B 59 32.74 17.87 -8.93
C LEU B 59 33.21 18.08 -10.36
N ASP B 60 32.60 17.35 -11.30
CA ASP B 60 33.12 17.39 -12.67
C ASP B 60 32.89 18.75 -13.32
N LEU B 61 31.84 19.47 -12.91
CA LEU B 61 31.56 20.78 -13.46
C LEU B 61 32.23 21.91 -12.69
N GLY B 62 32.95 21.62 -11.62
CA GLY B 62 33.58 22.66 -10.84
C GLY B 62 32.65 23.37 -9.87
N VAL B 63 31.40 22.91 -9.74
CA VAL B 63 30.53 23.42 -8.69
C VAL B 63 31.14 23.15 -7.32
N VAL B 64 31.73 21.97 -7.16
CA VAL B 64 32.50 21.62 -5.98
C VAL B 64 33.96 21.49 -6.41
N LYS B 65 34.82 22.26 -5.75
CA LYS B 65 36.25 22.26 -6.09
C LYS B 65 36.93 20.96 -5.69
N ASP B 66 36.71 20.53 -4.45
CA ASP B 66 37.31 19.31 -3.92
C ASP B 66 36.58 18.95 -2.65
N GLU B 67 37.01 17.86 -2.01
CA GLU B 67 36.33 17.33 -0.84
C GLU B 67 36.58 18.15 0.42
N HIS B 68 37.41 19.21 0.32
CA HIS B 68 37.70 20.09 1.43
C HIS B 68 36.89 21.37 1.41
N GLN B 69 36.33 21.74 0.24
CA GLN B 69 35.56 22.98 0.14
C GLN B 69 34.44 22.99 1.17
N VAL B 70 34.32 24.10 1.88
CA VAL B 70 33.36 24.24 2.96
C VAL B 70 32.10 24.86 2.41
N PHE B 71 30.98 24.20 2.67
CA PHE B 71 29.66 24.72 2.31
C PHE B 71 29.04 25.25 3.60
N LYS B 72 28.97 26.58 3.69
CA LYS B 72 28.55 27.23 4.92
C LYS B 72 27.07 27.00 5.17
N TRP B 73 26.73 26.66 6.41
CA TRP B 73 25.34 26.61 6.82
C TRP B 73 24.65 27.93 6.51
N ASP B 74 23.46 27.85 5.91
CA ASP B 74 22.73 29.05 5.54
C ASP B 74 22.04 29.72 6.73
N GLY B 75 22.28 29.25 7.95
CA GLY B 75 21.71 29.87 9.13
C GLY B 75 20.26 29.56 9.40
N GLN B 76 19.63 28.72 8.59
CA GLN B 76 18.24 28.30 8.79
C GLN B 76 18.22 27.04 9.65
N THR B 77 17.62 27.13 10.83
CA THR B 77 17.56 25.98 11.72
C THR B 77 16.64 24.93 11.13
N ARG B 78 17.18 23.75 10.89
CA ARG B 78 16.43 22.58 10.42
C ARG B 78 16.37 21.53 11.51
N ASP B 79 15.47 20.55 11.35
CA ASP B 79 15.17 19.66 12.46
C ASP B 79 16.20 18.53 12.61
N ILE B 80 17.17 18.43 11.72
CA ILE B 80 18.26 17.48 11.85
C ILE B 80 19.48 18.26 12.31
N ALA B 81 19.90 18.03 13.54
CA ALA B 81 20.92 18.87 14.17
C ALA B 81 22.20 18.91 13.33
N THR B 82 22.61 17.76 12.80
CA THR B 82 23.85 17.69 12.03
C THR B 82 23.81 18.53 10.75
N TRP B 83 22.62 18.95 10.32
CA TRP B 83 22.51 19.82 9.17
C TRP B 83 22.77 21.28 9.50
N ASN B 84 22.69 21.67 10.77
CA ASN B 84 22.81 23.07 11.17
C ASN B 84 24.27 23.40 11.47
N ARG B 85 25.11 23.19 10.46
CA ARG B 85 26.54 23.44 10.60
C ARG B 85 27.16 23.42 9.21
N ASP B 86 28.41 23.90 9.13
CA ASP B 86 29.15 23.86 7.88
C ASP B 86 29.50 22.43 7.51
N HIS B 87 29.63 22.19 6.20
CA HIS B 87 29.94 20.85 5.71
C HIS B 87 30.94 20.93 4.56
N ASN B 88 31.67 19.83 4.37
CA ASN B 88 32.36 19.57 3.12
C ASN B 88 31.72 18.35 2.47
N LEU B 89 32.30 17.90 1.36
CA LEU B 89 31.70 16.78 0.65
C LEU B 89 31.66 15.52 1.51
N ILE B 90 32.72 15.29 2.28
CA ILE B 90 32.78 14.08 3.10
C ILE B 90 31.66 14.07 4.12
N THR B 91 31.54 15.15 4.90
CA THR B 91 30.55 15.19 5.97
C THR B 91 29.14 15.36 5.41
N ALA B 92 28.99 16.11 4.32
CA ALA B 92 27.67 16.25 3.71
C ALA B 92 27.13 14.91 3.22
N MET B 93 28.01 14.01 2.78
CA MET B 93 27.58 12.66 2.42
C MET B 93 27.32 11.81 3.65
N LYS B 94 28.21 11.88 4.64
CA LYS B 94 28.05 11.12 5.88
C LYS B 94 26.71 11.42 6.54
N TYR B 95 26.33 12.69 6.60
CA TYR B 95 25.10 13.08 7.27
C TYR B 95 23.96 13.34 6.30
N SER B 96 24.12 12.98 5.04
CA SER B 96 23.07 13.08 4.03
C SER B 96 22.40 14.45 4.08
N VAL B 97 23.23 15.48 3.96
CA VAL B 97 22.78 16.84 4.18
C VAL B 97 22.07 17.35 2.94
N VAL B 98 20.76 17.15 2.90
CA VAL B 98 19.96 17.53 1.74
C VAL B 98 20.20 18.99 1.33
N PRO B 99 20.12 19.97 2.24
CA PRO B 99 20.18 21.37 1.79
C PRO B 99 21.48 21.74 1.09
N VAL B 100 22.59 21.08 1.41
CA VAL B 100 23.83 21.30 0.66
C VAL B 100 23.67 20.81 -0.77
N TYR B 101 23.12 19.61 -0.94
CA TYR B 101 22.99 19.04 -2.28
C TYR B 101 21.88 19.73 -3.08
N GLN B 102 20.90 20.31 -2.41
CA GLN B 102 19.93 21.13 -3.13
C GLN B 102 20.60 22.32 -3.79
N GLU B 103 21.54 22.95 -3.08
CA GLU B 103 22.28 24.05 -3.69
C GLU B 103 23.17 23.56 -4.82
N PHE B 104 23.82 22.40 -4.65
CA PHE B 104 24.55 21.80 -5.75
C PHE B 104 23.66 21.74 -6.99
N ALA B 105 22.45 21.22 -6.81
CA ALA B 105 21.57 20.98 -7.95
C ALA B 105 21.16 22.29 -8.62
N ARG B 106 20.88 23.32 -7.82
CA ARG B 106 20.57 24.62 -8.38
C ARG B 106 21.74 25.17 -9.19
N GLN B 107 22.97 24.97 -8.71
CA GLN B 107 24.13 25.48 -9.45
C GLN B 107 24.42 24.63 -10.69
N ILE B 108 24.20 23.31 -10.60
CA ILE B 108 24.33 22.47 -11.80
C ILE B 108 23.32 22.90 -12.85
N GLY B 109 22.07 23.04 -12.46
CA GLY B 109 21.03 23.46 -13.37
C GLY B 109 20.38 22.29 -14.09
N GLU B 110 19.17 22.55 -14.60
CA GLU B 110 18.35 21.49 -15.20
C GLU B 110 19.05 20.84 -16.40
N ALA B 111 19.58 21.65 -17.31
CA ALA B 111 20.08 21.10 -18.56
C ALA B 111 21.31 20.22 -18.33
N ARG B 112 22.28 20.73 -17.58
CA ARG B 112 23.48 19.94 -17.31
C ARG B 112 23.16 18.72 -16.47
N MET B 113 22.22 18.84 -15.53
CA MET B 113 21.82 17.69 -14.73
C MET B 113 21.21 16.61 -15.62
N SER B 114 20.31 17.02 -16.52
CA SER B 114 19.65 16.06 -17.41
C SER B 114 20.65 15.36 -18.32
N LYS B 115 21.54 16.13 -18.95
CA LYS B 115 22.54 15.53 -19.83
C LYS B 115 23.35 14.47 -19.08
N MET B 116 23.79 14.81 -17.88
CA MET B 116 24.70 13.94 -17.14
C MET B 116 24.01 12.65 -16.73
N LEU B 117 22.74 12.72 -16.33
CA LEU B 117 22.04 11.50 -15.96
C LEU B 117 21.82 10.59 -17.16
N HIS B 118 21.59 11.16 -18.34
N HIS B 118 21.58 11.18 -18.33
CA HIS B 118 21.56 10.31 -19.52
CA HIS B 118 21.55 10.39 -19.56
C HIS B 118 22.94 9.74 -19.81
C HIS B 118 22.92 9.77 -19.82
N ALA B 119 23.99 10.55 -19.67
CA ALA B 119 25.34 10.03 -19.89
C ALA B 119 25.64 8.90 -18.91
N PHE B 120 25.16 9.01 -17.67
CA PHE B 120 25.34 7.97 -16.66
C PHE B 120 24.41 6.78 -16.84
N ASP B 121 23.43 6.86 -17.73
CA ASP B 121 22.44 5.78 -17.86
C ASP B 121 21.71 5.55 -16.53
N TYR B 122 21.50 6.63 -15.78
CA TYR B 122 21.06 6.55 -14.39
C TYR B 122 19.54 6.42 -14.33
N GLY B 123 19.05 5.24 -13.94
CA GLY B 123 17.63 5.06 -13.72
C GLY B 123 16.83 5.37 -14.96
N ASN B 124 15.69 6.02 -14.76
CA ASN B 124 14.87 6.45 -15.89
C ASN B 124 15.34 7.78 -16.46
N GLU B 125 16.43 8.35 -15.94
CA GLU B 125 17.07 9.52 -16.54
C GLU B 125 16.15 10.73 -16.60
N ASP B 126 15.15 10.78 -15.73
CA ASP B 126 14.08 11.77 -15.80
C ASP B 126 14.20 12.71 -14.60
N ILE B 127 14.52 13.98 -14.86
CA ILE B 127 14.63 14.97 -13.79
C ILE B 127 13.37 15.81 -13.64
N SER B 128 12.26 15.37 -14.24
CA SER B 128 11.04 16.15 -14.16
C SER B 128 10.71 16.47 -12.70
N GLY B 129 10.29 17.70 -12.47
CA GLY B 129 10.06 18.18 -11.12
C GLY B 129 10.92 19.41 -10.85
N ASN B 130 11.05 19.79 -9.58
CA ASN B 130 11.88 20.93 -9.20
C ASN B 130 13.36 20.54 -9.22
N VAL B 131 14.19 21.41 -9.80
CA VAL B 131 15.61 21.08 -9.93
C VAL B 131 16.25 20.80 -8.57
N ASP B 132 15.73 21.41 -7.48
CA ASP B 132 16.34 21.22 -6.17
C ASP B 132 15.62 20.18 -5.33
N SER B 133 14.76 19.36 -5.92
CA SER B 133 14.14 18.32 -5.09
C SER B 133 13.65 17.12 -5.90
N PHE B 134 14.00 17.03 -7.18
CA PHE B 134 13.37 16.01 -8.03
C PHE B 134 13.72 14.61 -7.57
N TRP B 135 14.89 14.42 -6.96
CA TRP B 135 15.26 13.11 -6.42
C TRP B 135 14.51 12.76 -5.15
N LEU B 136 13.74 13.71 -4.60
CA LEU B 136 12.91 13.47 -3.44
C LEU B 136 11.42 13.40 -3.74
N ASP B 137 10.95 14.16 -4.74
CA ASP B 137 9.52 14.15 -5.05
C ASP B 137 9.24 14.45 -6.51
N GLY B 138 10.22 14.25 -7.40
CA GLY B 138 10.04 14.45 -8.82
C GLY B 138 9.84 13.14 -9.55
N GLY B 139 10.22 13.13 -10.82
CA GLY B 139 9.92 12.00 -11.68
C GLY B 139 11.01 10.96 -11.78
N ILE B 140 12.17 11.19 -11.16
CA ILE B 140 13.28 10.27 -11.35
C ILE B 140 13.03 9.00 -10.56
N ARG B 141 13.41 7.88 -11.14
CA ARG B 141 13.22 6.56 -10.55
C ARG B 141 14.42 5.69 -10.89
N ILE B 142 14.75 4.78 -9.97
CA ILE B 142 15.83 3.83 -10.22
C ILE B 142 15.53 2.54 -9.46
N SER B 143 15.87 1.41 -10.08
CA SER B 143 15.71 0.10 -9.46
C SER B 143 17.00 -0.32 -8.77
N ALA B 144 16.89 -1.35 -7.92
CA ALA B 144 18.08 -1.89 -7.25
C ALA B 144 19.07 -2.42 -8.26
N THR B 145 18.60 -3.13 -9.28
CA THR B 145 19.51 -3.65 -10.30
C THR B 145 20.17 -2.50 -11.05
N GLU B 146 19.44 -1.42 -11.29
CA GLU B 146 20.02 -0.26 -11.95
C GLU B 146 21.02 0.46 -11.04
N GLN B 147 20.79 0.43 -9.72
CA GLN B 147 21.79 0.95 -8.79
C GLN B 147 23.10 0.19 -8.93
N ILE B 148 23.02 -1.14 -9.02
CA ILE B 148 24.23 -1.95 -9.16
C ILE B 148 24.94 -1.65 -10.47
N SER B 149 24.18 -1.53 -11.56
CA SER B 149 24.81 -1.22 -12.86
C SER B 149 25.56 0.11 -12.79
N PHE B 150 24.96 1.11 -12.15
CA PHE B 150 25.61 2.42 -12.03
C PHE B 150 26.84 2.35 -11.14
N LEU B 151 26.73 1.67 -10.00
CA LEU B 151 27.86 1.57 -9.08
C LEU B 151 29.03 0.83 -9.73
N ARG B 152 28.74 -0.20 -10.52
CA ARG B 152 29.83 -0.94 -11.15
C ARG B 152 30.66 -0.03 -12.05
N LYS B 153 29.99 0.82 -12.82
CA LYS B 153 30.71 1.79 -13.65
C LYS B 153 31.57 2.70 -12.79
N LEU B 154 31.00 3.21 -11.68
CA LEU B 154 31.75 4.06 -10.78
C LEU B 154 32.98 3.36 -10.23
N TYR B 155 32.83 2.12 -9.76
CA TYR B 155 33.97 1.39 -9.23
C TYR B 155 35.09 1.30 -10.26
N HIS B 156 34.72 1.06 -11.52
CA HIS B 156 35.71 0.88 -12.59
C HIS B 156 36.10 2.19 -13.26
N ASN B 157 35.69 3.34 -12.71
CA ASN B 157 36.01 4.65 -13.28
C ASN B 157 35.52 4.77 -14.73
N LYS B 158 34.41 4.10 -15.05
CA LYS B 158 33.89 4.06 -16.41
C LYS B 158 32.77 5.05 -16.67
N LEU B 159 32.32 5.79 -15.65
CA LEU B 159 31.31 6.82 -15.87
C LEU B 159 31.91 7.98 -16.65
N HIS B 160 31.06 8.71 -17.37
CA HIS B 160 31.51 9.78 -18.25
C HIS B 160 31.74 11.08 -17.47
N VAL B 161 32.59 10.97 -16.45
CA VAL B 161 33.20 12.11 -15.77
C VAL B 161 34.68 11.76 -15.57
N SER B 162 35.45 12.72 -15.05
CA SER B 162 36.87 12.47 -14.90
C SER B 162 37.12 11.38 -13.86
N GLU B 163 38.28 10.72 -14.00
CA GLU B 163 38.72 9.78 -12.98
C GLU B 163 38.78 10.43 -11.60
N ARG B 164 39.28 11.66 -11.54
CA ARG B 164 39.40 12.36 -10.26
C ARG B 164 38.04 12.48 -9.57
N SER B 165 37.04 12.95 -10.31
CA SER B 165 35.70 13.08 -9.74
C SER B 165 35.22 11.75 -9.17
N GLN B 166 35.48 10.66 -9.90
CA GLN B 166 35.02 9.36 -9.43
C GLN B 166 35.80 8.91 -8.20
N ARG B 167 37.11 9.16 -8.16
CA ARG B 167 37.89 8.82 -6.98
C ARG B 167 37.42 9.59 -5.75
N ILE B 168 37.12 10.88 -5.91
CA ILE B 168 36.68 11.69 -4.77
C ILE B 168 35.36 11.19 -4.24
N VAL B 169 34.41 10.87 -5.14
CA VAL B 169 33.11 10.42 -4.67
C VAL B 169 33.24 9.06 -3.97
N LYS B 170 34.09 8.18 -4.50
CA LYS B 170 34.27 6.89 -3.82
C LYS B 170 34.93 7.08 -2.46
N GLN B 171 35.81 8.06 -2.32
CA GLN B 171 36.31 8.41 -0.99
C GLN B 171 35.17 8.89 -0.10
N ALA B 172 34.32 9.77 -0.61
CA ALA B 172 33.21 10.28 0.20
C ALA B 172 32.21 9.19 0.56
N MET B 173 32.13 8.11 -0.22
CA MET B 173 31.23 7.00 0.09
C MET B 173 31.78 6.10 1.19
N LEU B 174 33.01 6.31 1.64
CA LEU B 174 33.58 5.41 2.63
C LEU B 174 32.69 5.36 3.87
N THR B 175 32.25 4.15 4.22
CA THR B 175 31.33 3.96 5.33
C THR B 175 31.96 3.15 6.45
N GLU B 176 32.70 2.10 6.12
CA GLU B 176 33.25 1.20 7.14
C GLU B 176 34.50 0.55 6.56
N ALA B 177 35.49 0.36 7.43
CA ALA B 177 36.72 -0.29 7.00
C ALA B 177 37.35 -0.98 8.19
N ASN B 178 37.79 -2.22 7.98
CA ASN B 178 38.53 -2.94 9.00
C ASN B 178 39.49 -3.89 8.29
N GLY B 179 40.10 -4.80 9.04
CA GLY B 179 41.03 -5.74 8.44
C GLY B 179 40.37 -6.78 7.56
N ASP B 180 39.05 -6.87 7.57
CA ASP B 180 38.33 -7.88 6.80
C ASP B 180 37.69 -7.34 5.54
N TYR B 181 37.24 -6.09 5.54
CA TYR B 181 36.53 -5.58 4.38
C TYR B 181 36.45 -4.06 4.45
N ILE B 182 36.12 -3.47 3.31
CA ILE B 182 35.81 -2.06 3.19
C ILE B 182 34.41 -1.95 2.58
N ILE B 183 33.57 -1.09 3.16
CA ILE B 183 32.26 -0.79 2.57
C ILE B 183 32.26 0.66 2.11
N ARG B 184 31.97 0.86 0.84
CA ARG B 184 31.64 2.16 0.29
C ARG B 184 30.16 2.14 -0.12
N ALA B 185 29.39 3.10 0.38
CA ALA B 185 27.94 3.01 0.25
C ALA B 185 27.28 4.35 0.53
N LYS B 186 25.97 4.40 0.25
CA LYS B 186 25.15 5.57 0.54
C LYS B 186 23.75 5.10 0.90
N THR B 187 23.25 5.60 2.03
CA THR B 187 21.89 5.34 2.43
C THR B 187 20.92 6.28 1.72
N GLY B 188 19.66 5.87 1.71
CA GLY B 188 18.60 6.72 1.22
C GLY B 188 17.34 6.49 2.03
N TYR B 189 16.51 7.52 2.11
CA TYR B 189 15.27 7.49 2.88
C TYR B 189 14.23 8.33 2.14
N SER B 190 13.28 7.65 1.49
CA SER B 190 12.27 8.29 0.65
C SER B 190 10.94 8.33 1.38
N THR B 191 10.44 9.54 1.66
CA THR B 191 9.19 9.70 2.39
C THR B 191 8.12 10.49 1.63
N ARG B 192 8.48 11.25 0.60
CA ARG B 192 7.52 12.17 0.00
C ARG B 192 6.53 11.49 -0.94
N ILE B 193 6.88 10.32 -1.46
CA ILE B 193 6.03 9.61 -2.40
C ILE B 193 5.90 8.18 -1.89
N GLU B 194 4.67 7.67 -1.88
CA GLU B 194 4.45 6.30 -1.46
C GLU B 194 4.95 5.33 -2.54
N PRO B 195 5.46 4.16 -2.14
CA PRO B 195 5.66 3.72 -0.75
C PRO B 195 6.93 4.29 -0.13
N LYS B 196 6.88 4.61 1.16
CA LYS B 196 8.06 5.06 1.88
C LYS B 196 9.06 3.92 1.98
N ILE B 197 10.31 4.17 1.61
CA ILE B 197 11.33 3.14 1.60
C ILE B 197 12.65 3.68 2.14
N GLY B 198 13.50 2.75 2.54
CA GLY B 198 14.90 3.02 2.80
C GLY B 198 15.74 2.31 1.76
N TRP B 199 16.89 2.92 1.42
CA TRP B 199 17.88 2.37 0.52
C TRP B 199 19.19 2.16 1.27
N TRP B 200 19.97 1.19 0.80
CA TRP B 200 21.41 1.16 1.06
C TRP B 200 22.06 0.52 -0.16
N VAL B 201 22.94 1.26 -0.82
CA VAL B 201 23.59 0.80 -2.05
C VAL B 201 25.08 1.08 -1.95
N GLY B 202 25.88 0.19 -2.51
CA GLY B 202 27.33 0.35 -2.46
C GLY B 202 28.02 -0.96 -2.80
N TRP B 203 29.16 -1.17 -2.16
CA TRP B 203 29.87 -2.42 -2.39
C TRP B 203 30.78 -2.74 -1.23
N VAL B 204 31.17 -4.00 -1.18
CA VAL B 204 32.09 -4.54 -0.18
C VAL B 204 33.36 -4.93 -0.91
N GLU B 205 34.47 -4.30 -0.52
CA GLU B 205 35.77 -4.65 -1.07
C GLU B 205 36.42 -5.71 -0.20
N LEU B 206 36.81 -6.81 -0.83
CA LEU B 206 37.62 -7.84 -0.21
C LEU B 206 39.01 -7.84 -0.84
N ASP B 207 39.90 -8.63 -0.25
CA ASP B 207 41.25 -8.73 -0.78
C ASP B 207 41.24 -9.11 -2.26
N ASP B 208 40.35 -10.03 -2.66
CA ASP B 208 40.38 -10.61 -4.00
C ASP B 208 39.02 -10.60 -4.70
N ASN B 209 38.07 -9.78 -4.26
CA ASN B 209 36.78 -9.71 -4.93
C ASN B 209 36.07 -8.46 -4.43
N VAL B 210 35.04 -8.06 -5.16
CA VAL B 210 34.16 -6.98 -4.75
C VAL B 210 32.73 -7.47 -4.93
N TRP B 211 31.91 -7.29 -3.89
CA TRP B 211 30.49 -7.63 -3.92
C TRP B 211 29.71 -6.33 -3.93
N PHE B 212 28.99 -6.08 -5.03
CA PHE B 212 28.09 -4.94 -5.09
C PHE B 212 26.75 -5.30 -4.47
N PHE B 213 26.13 -4.32 -3.81
CA PHE B 213 24.83 -4.55 -3.21
C PHE B 213 23.93 -3.34 -3.41
N ALA B 214 22.64 -3.63 -3.49
CA ALA B 214 21.61 -2.59 -3.50
C ALA B 214 20.39 -3.20 -2.84
N MET B 215 19.89 -2.52 -1.82
CA MET B 215 18.70 -2.96 -1.11
C MET B 215 17.75 -1.80 -0.94
N ASN B 216 16.46 -2.09 -0.99
CA ASN B 216 15.49 -1.14 -0.50
C ASN B 216 14.44 -1.92 0.29
N MET B 217 13.74 -1.21 1.16
CA MET B 217 12.78 -1.86 2.05
C MET B 217 11.71 -0.86 2.44
N ASP B 218 10.52 -1.39 2.68
CA ASP B 218 9.43 -0.55 3.18
C ASP B 218 9.85 0.09 4.49
N MET B 219 9.53 1.38 4.63
CA MET B 219 9.96 2.18 5.78
C MET B 219 8.79 3.05 6.21
N PRO B 220 7.78 2.45 6.83
CA PRO B 220 6.61 3.24 7.23
C PRO B 220 6.93 4.32 8.27
N THR B 221 7.94 4.13 9.11
CA THR B 221 8.39 5.16 10.03
C THR B 221 9.91 5.13 10.14
N SER B 222 10.47 6.26 10.59
CA SER B 222 11.91 6.37 10.73
C SER B 222 12.48 5.39 11.76
N ASP B 223 11.62 4.73 12.54
CA ASP B 223 12.10 3.81 13.57
C ASP B 223 12.92 2.67 12.99
N GLY B 224 12.65 2.25 11.76
CA GLY B 224 13.30 1.11 11.18
C GLY B 224 14.53 1.40 10.35
N LEU B 225 15.04 2.64 10.38
CA LEU B 225 16.11 3.00 9.45
C LEU B 225 17.35 2.14 9.63
N GLY B 226 17.66 1.74 10.86
CA GLY B 226 18.83 0.92 11.10
C GLY B 226 18.77 -0.44 10.43
N LEU B 227 17.58 -0.90 10.06
CA LEU B 227 17.45 -2.20 9.40
C LEU B 227 18.03 -2.19 7.99
N ARG B 228 18.18 -1.01 7.37
CA ARG B 228 18.80 -0.98 6.06
C ARG B 228 20.18 -1.64 6.09
N GLN B 229 21.03 -1.20 7.03
CA GLN B 229 22.35 -1.79 7.16
C GLN B 229 22.29 -3.17 7.81
N ALA B 230 21.41 -3.33 8.80
CA ALA B 230 21.39 -4.59 9.55
C ALA B 230 20.96 -5.76 8.67
N ILE B 231 19.89 -5.59 7.89
CA ILE B 231 19.43 -6.67 7.02
C ILE B 231 20.49 -7.01 5.98
N THR B 232 21.05 -5.99 5.33
CA THR B 232 22.09 -6.20 4.34
C THR B 232 23.25 -7.00 4.92
N LYS B 233 23.69 -6.64 6.12
CA LYS B 233 24.80 -7.36 6.73
C LYS B 233 24.43 -8.77 7.13
N GLU B 234 23.16 -9.01 7.48
CA GLU B 234 22.75 -10.39 7.76
C GLU B 234 22.85 -11.25 6.51
N VAL B 235 22.54 -10.67 5.35
CA VAL B 235 22.68 -11.40 4.08
C VAL B 235 24.16 -11.60 3.77
N LEU B 236 24.96 -10.56 3.89
CA LEU B 236 26.39 -10.68 3.65
C LEU B 236 27.00 -11.75 4.55
N LYS B 237 26.61 -11.77 5.83
CA LYS B 237 27.12 -12.79 6.74
C LYS B 237 26.66 -14.18 6.34
N GLN B 238 25.36 -14.34 6.03
CA GLN B 238 24.85 -15.64 5.61
C GLN B 238 25.62 -16.18 4.42
N GLU B 239 25.91 -15.32 3.45
CA GLU B 239 26.65 -15.75 2.27
C GLU B 239 28.15 -15.78 2.50
N LYS B 240 28.60 -15.62 3.75
CA LYS B 240 30.01 -15.72 4.10
C LYS B 240 30.85 -14.69 3.36
N ILE B 241 30.23 -13.57 2.99
CA ILE B 241 30.96 -12.46 2.38
C ILE B 241 31.70 -11.66 3.43
N ILE B 242 31.12 -11.50 4.62
CA ILE B 242 31.80 -10.88 5.75
C ILE B 242 31.65 -11.82 6.96
N PRO B 243 32.56 -11.77 7.93
CA PRO B 243 32.42 -12.61 9.14
C PRO B 243 31.23 -12.20 10.00
N GLU C 2 20.49 -13.08 -19.23
CA GLU C 2 19.08 -13.45 -19.12
C GLU C 2 18.21 -12.45 -19.88
N TRP C 3 18.63 -11.19 -19.93
CA TRP C 3 17.95 -10.16 -20.71
C TRP C 3 18.93 -9.55 -21.70
N GLN C 4 18.50 -9.45 -22.95
CA GLN C 4 19.33 -8.91 -24.03
C GLN C 4 18.57 -7.79 -24.72
N GLU C 5 19.30 -6.72 -25.05
CA GLU C 5 18.71 -5.56 -25.70
C GLU C 5 19.03 -5.54 -27.19
N ASN C 6 18.00 -5.41 -28.02
CA ASN C 6 18.12 -5.38 -29.48
C ASN C 6 17.51 -4.09 -29.97
N LYS C 7 18.34 -3.06 -30.09
CA LYS C 7 17.89 -1.73 -30.50
C LYS C 7 17.47 -1.68 -31.96
N SER C 8 17.79 -2.69 -32.77
CA SER C 8 17.36 -2.71 -34.16
C SER C 8 15.85 -2.74 -34.30
N TRP C 9 15.14 -3.24 -33.28
CA TRP C 9 13.68 -3.20 -33.30
C TRP C 9 13.13 -1.78 -33.24
N ASN C 10 13.91 -0.82 -32.74
CA ASN C 10 13.46 0.57 -32.67
C ASN C 10 13.03 1.08 -34.04
N ALA C 11 13.58 0.51 -35.11
CA ALA C 11 13.18 0.90 -36.45
C ALA C 11 11.68 0.68 -36.67
N HIS C 12 11.12 -0.36 -36.07
CA HIS C 12 9.71 -0.65 -36.27
C HIS C 12 8.82 0.40 -35.61
N PHE C 13 9.33 1.06 -34.57
CA PHE C 13 8.62 2.18 -33.97
C PHE C 13 8.88 3.46 -34.76
N THR C 14 10.14 3.71 -35.10
CA THR C 14 10.48 4.93 -35.85
C THR C 14 9.71 5.02 -37.15
N GLU C 15 9.63 3.92 -37.91
CA GLU C 15 8.97 3.97 -39.21
C GLU C 15 7.52 4.39 -39.10
N HIS C 16 6.85 4.04 -38.00
CA HIS C 16 5.50 4.50 -37.74
C HIS C 16 5.50 5.74 -36.85
N LYS C 17 6.65 6.39 -36.72
CA LYS C 17 6.78 7.63 -35.96
C LYS C 17 6.13 7.50 -34.59
N SER C 18 6.49 6.40 -33.92
CA SER C 18 5.97 6.03 -32.61
C SER C 18 7.13 5.79 -31.67
N GLN C 19 6.81 5.73 -30.38
CA GLN C 19 7.76 5.31 -29.37
C GLN C 19 7.11 4.25 -28.51
N GLY C 20 7.88 3.24 -28.13
CA GLY C 20 7.35 2.17 -27.32
C GLY C 20 8.40 1.14 -27.04
N VAL C 21 7.94 0.01 -26.51
CA VAL C 21 8.80 -1.11 -26.17
C VAL C 21 8.10 -2.41 -26.55
N VAL C 22 8.87 -3.35 -27.10
CA VAL C 22 8.44 -4.73 -27.23
C VAL C 22 9.35 -5.58 -26.36
N VAL C 23 8.75 -6.47 -25.58
CA VAL C 23 9.48 -7.42 -24.74
C VAL C 23 9.07 -8.82 -25.16
N LEU C 24 10.04 -9.66 -25.50
CA LEU C 24 9.82 -11.05 -25.84
C LEU C 24 10.52 -11.94 -24.83
N TRP C 25 9.92 -13.08 -24.55
CA TRP C 25 10.50 -14.08 -23.65
C TRP C 25 10.42 -15.45 -24.31
N ASN C 26 11.59 -16.05 -24.51
CA ASN C 26 11.72 -17.39 -25.07
C ASN C 26 11.58 -18.40 -23.92
N GLU C 27 10.46 -19.13 -23.88
CA GLU C 27 10.19 -20.00 -22.75
C GLU C 27 11.18 -21.16 -22.67
N ASN C 28 11.50 -21.79 -23.81
CA ASN C 28 12.42 -22.93 -23.78
C ASN C 28 13.78 -22.52 -23.25
N LYS C 29 14.30 -21.39 -23.72
CA LYS C 29 15.64 -20.97 -23.36
C LYS C 29 15.70 -20.06 -22.14
N GLN C 30 14.55 -19.64 -21.62
CA GLN C 30 14.50 -18.76 -20.45
C GLN C 30 15.36 -17.51 -20.69
N GLN C 31 15.13 -16.88 -21.84
CA GLN C 31 15.87 -15.72 -22.28
C GLN C 31 14.89 -14.65 -22.75
N GLY C 32 15.16 -13.41 -22.35
CA GLY C 32 14.31 -12.29 -22.71
C GLY C 32 15.01 -11.34 -23.67
N PHE C 33 14.22 -10.60 -24.45
CA PHE C 33 14.73 -9.72 -25.49
C PHE C 33 13.85 -8.49 -25.55
N THR C 34 14.47 -7.32 -25.65
CA THR C 34 13.70 -6.08 -25.78
C THR C 34 14.53 -5.02 -26.49
N ASN C 35 13.83 -4.04 -27.08
CA ASN C 35 14.50 -2.90 -27.70
C ASN C 35 14.89 -1.85 -26.68
N ASN C 36 14.32 -1.88 -25.48
CA ASN C 36 14.52 -0.80 -24.51
C ASN C 36 14.37 -1.41 -23.11
N LEU C 37 15.52 -1.77 -22.52
CA LEU C 37 15.51 -2.41 -21.22
C LEU C 37 14.83 -1.53 -20.17
N LYS C 38 15.06 -0.22 -20.24
CA LYS C 38 14.46 0.68 -19.26
C LYS C 38 12.94 0.73 -19.40
N ARG C 39 12.43 1.00 -20.61
CA ARG C 39 10.99 1.10 -20.74
C ARG C 39 10.34 -0.26 -20.50
N ALA C 40 11.06 -1.36 -20.77
CA ALA C 40 10.56 -2.69 -20.49
C ALA C 40 10.22 -2.87 -19.01
N ASN C 41 10.89 -2.12 -18.13
CA ASN C 41 10.65 -2.22 -16.69
C ASN C 41 9.92 -1.00 -16.15
N GLN C 42 9.41 -0.12 -17.02
CA GLN C 42 8.64 1.02 -16.56
C GLN C 42 7.19 0.57 -16.32
N ALA C 43 6.65 0.92 -15.16
CA ALA C 43 5.33 0.45 -14.77
C ALA C 43 4.29 1.49 -15.15
N PHE C 44 3.27 1.06 -15.88
CA PHE C 44 2.16 1.89 -16.33
C PHE C 44 0.86 1.33 -15.80
N LEU C 45 -0.19 2.13 -15.92
CA LEU C 45 -1.54 1.62 -15.75
C LEU C 45 -1.76 0.45 -16.70
N PRO C 46 -2.34 -0.67 -16.25
CA PRO C 46 -2.59 -1.78 -17.19
C PRO C 46 -3.75 -1.55 -18.14
N ALA C 47 -4.66 -0.64 -17.81
CA ALA C 47 -5.89 -0.40 -18.57
C ALA C 47 -6.53 -1.75 -18.87
N SER C 48 -6.99 -1.99 -20.11
CA SER C 48 -7.80 -3.17 -20.37
C SER C 48 -7.01 -4.47 -20.35
N THR C 49 -5.68 -4.44 -20.27
CA THR C 49 -4.99 -5.71 -20.03
C THR C 49 -5.35 -6.27 -18.67
N PHE C 50 -5.88 -5.45 -17.76
CA PHE C 50 -6.30 -5.91 -16.45
C PHE C 50 -7.50 -6.86 -16.53
N KCX C 51 -8.14 -6.97 -17.70
CA KCX C 51 -9.27 -7.88 -17.80
CB KCX C 51 -10.01 -7.67 -19.13
CG KCX C 51 -10.85 -6.39 -19.12
CD KCX C 51 -11.73 -6.23 -20.37
CE KCX C 51 -12.56 -4.94 -20.27
NZ KCX C 51 -11.72 -3.72 -20.18
C KCX C 51 -8.82 -9.34 -17.65
O KCX C 51 -9.62 -10.20 -17.31
CX KCX C 51 -11.51 -3.10 -19.03
OQ1 KCX C 51 -10.79 -2.08 -19.00
OQ2 KCX C 51 -12.02 -3.52 -17.97
H KCX C 51 -7.95 -6.52 -18.41
HA KCX C 51 -9.89 -7.69 -17.08
HB2 KCX C 51 -9.35 -7.59 -19.85
HG2 KCX C 51 -10.26 -5.62 -19.07
HD2 KCX C 51 -11.16 -6.16 -21.15
HE2 KCX C 51 -13.12 -4.86 -21.06
N ILE C 52 -7.52 -9.62 -17.87
CA ILE C 52 -7.04 -10.97 -17.61
C ILE C 52 -7.15 -11.32 -16.11
N PRO C 53 -6.42 -10.62 -15.23
CA PRO C 53 -6.58 -10.95 -13.80
C PRO C 53 -8.01 -10.76 -13.32
N ASN C 54 -8.70 -9.75 -13.82
CA ASN C 54 -10.08 -9.51 -13.42
C ASN C 54 -10.98 -10.70 -13.77
N SER C 55 -10.81 -11.24 -14.97
CA SER C 55 -11.56 -12.43 -15.37
C SER C 55 -11.26 -13.60 -14.46
N LEU C 56 -9.96 -13.84 -14.20
CA LEU C 56 -9.57 -14.95 -13.35
C LEU C 56 -10.24 -14.85 -11.99
N ILE C 57 -10.24 -13.66 -11.42
CA ILE C 57 -10.82 -13.46 -10.09
C ILE C 57 -12.33 -13.67 -10.14
N ALA C 58 -13.00 -13.08 -11.13
CA ALA C 58 -14.45 -13.18 -11.21
C ALA C 58 -14.88 -14.64 -11.38
N LEU C 59 -14.16 -15.39 -12.21
CA LEU C 59 -14.47 -16.81 -12.39
C LEU C 59 -14.21 -17.59 -11.10
N ASP C 60 -13.08 -17.35 -10.45
CA ASP C 60 -12.73 -18.16 -9.28
C ASP C 60 -13.67 -17.88 -8.12
N LEU C 61 -14.20 -16.66 -8.03
CA LEU C 61 -15.12 -16.30 -6.97
C LEU C 61 -16.57 -16.60 -7.30
N GLY C 62 -16.86 -17.12 -8.48
CA GLY C 62 -18.23 -17.40 -8.86
C GLY C 62 -19.01 -16.18 -9.29
N VAL C 63 -18.37 -15.03 -9.40
CA VAL C 63 -19.01 -13.86 -9.98
C VAL C 63 -19.39 -14.13 -11.42
N VAL C 64 -18.53 -14.85 -12.15
CA VAL C 64 -18.86 -15.38 -13.47
C VAL C 64 -18.97 -16.90 -13.35
N LYS C 65 -20.12 -17.44 -13.78
CA LYS C 65 -20.34 -18.89 -13.69
C LYS C 65 -19.48 -19.64 -14.70
N ASP C 66 -19.51 -19.21 -15.96
CA ASP C 66 -18.75 -19.85 -17.03
C ASP C 66 -18.71 -18.88 -18.19
N GLU C 67 -18.09 -19.31 -19.29
CA GLU C 67 -17.86 -18.44 -20.43
C GLU C 67 -19.12 -18.21 -21.26
N HIS C 68 -20.24 -18.86 -20.91
CA HIS C 68 -21.50 -18.69 -21.61
C HIS C 68 -22.46 -17.74 -20.91
N GLN C 69 -22.24 -17.46 -19.63
CA GLN C 69 -23.14 -16.60 -18.89
C GLN C 69 -23.29 -15.24 -19.57
N VAL C 70 -24.53 -14.79 -19.70
CA VAL C 70 -24.86 -13.56 -20.41
C VAL C 70 -24.95 -12.42 -19.42
N PHE C 71 -24.20 -11.36 -19.70
CA PHE C 71 -24.25 -10.12 -18.92
C PHE C 71 -25.03 -9.12 -19.76
N LYS C 72 -26.25 -8.83 -19.32
CA LYS C 72 -27.14 -8.00 -20.13
C LYS C 72 -26.64 -6.57 -20.18
N TRP C 73 -26.70 -5.98 -21.36
CA TRP C 73 -26.47 -4.54 -21.50
C TRP C 73 -27.36 -3.79 -20.54
N ASP C 74 -26.78 -2.81 -19.83
CA ASP C 74 -27.54 -2.04 -18.85
C ASP C 74 -28.41 -0.97 -19.48
N GLY C 75 -28.50 -0.92 -20.81
CA GLY C 75 -29.35 0.03 -21.49
C GLY C 75 -28.80 1.44 -21.57
N GLN C 76 -27.59 1.68 -21.06
CA GLN C 76 -26.96 3.00 -21.17
C GLN C 76 -26.17 3.04 -22.46
N THR C 77 -26.57 3.92 -23.37
CA THR C 77 -25.91 4.05 -24.65
C THR C 77 -24.52 4.66 -24.46
N ARG C 78 -23.50 3.91 -24.83
CA ARG C 78 -22.12 4.39 -24.78
C ARG C 78 -21.58 4.55 -26.19
N ASP C 79 -20.46 5.26 -26.30
CA ASP C 79 -19.98 5.71 -27.59
C ASP C 79 -19.18 4.65 -28.35
N ILE C 80 -18.94 3.48 -27.77
CA ILE C 80 -18.38 2.35 -28.50
C ILE C 80 -19.53 1.38 -28.76
N ALA C 81 -19.89 1.23 -30.04
CA ALA C 81 -21.12 0.52 -30.41
C ALA C 81 -21.16 -0.90 -29.88
N THR C 82 -20.03 -1.62 -29.95
CA THR C 82 -20.02 -3.02 -29.54
C THR C 82 -20.30 -3.19 -28.05
N TRP C 83 -20.22 -2.12 -27.24
CA TRP C 83 -20.54 -2.22 -25.83
C TRP C 83 -22.03 -2.19 -25.56
N ASN C 84 -22.82 -1.68 -26.50
CA ASN C 84 -24.26 -1.48 -26.30
C ASN C 84 -25.04 -2.72 -26.73
N ARG C 85 -24.68 -3.85 -26.12
CA ARG C 85 -25.31 -5.13 -26.43
C ARG C 85 -24.93 -6.11 -25.32
N ASP C 86 -25.64 -7.23 -25.28
CA ASP C 86 -25.31 -8.27 -24.30
C ASP C 86 -23.98 -8.93 -24.66
N HIS C 87 -23.29 -9.40 -23.63
CA HIS C 87 -21.99 -10.04 -23.79
C HIS C 87 -21.88 -11.25 -22.87
N ASN C 88 -21.01 -12.17 -23.24
CA ASN C 88 -20.50 -13.18 -22.34
C ASN C 88 -19.01 -12.91 -22.12
N LEU C 89 -18.34 -13.83 -21.42
CA LEU C 89 -16.93 -13.59 -21.09
C LEU C 89 -16.07 -13.50 -22.35
N ILE C 90 -16.36 -14.34 -23.34
CA ILE C 90 -15.56 -14.34 -24.57
C ILE C 90 -15.70 -13.01 -25.29
N THR C 91 -16.94 -12.57 -25.51
CA THR C 91 -17.15 -11.34 -26.25
C THR C 91 -16.78 -10.13 -25.42
N ALA C 92 -16.99 -10.19 -24.09
CA ALA C 92 -16.59 -9.07 -23.25
C ALA C 92 -15.09 -8.81 -23.35
N MET C 93 -14.31 -9.88 -23.49
CA MET C 93 -12.87 -9.75 -23.67
C MET C 93 -12.53 -9.28 -25.07
N LYS C 94 -13.17 -9.90 -26.06
CA LYS C 94 -12.91 -9.58 -27.47
C LYS C 94 -13.10 -8.10 -27.74
N TYR C 95 -14.18 -7.51 -27.21
CA TYR C 95 -14.52 -6.12 -27.47
C TYR C 95 -14.13 -5.21 -26.32
N SER C 96 -13.37 -5.72 -25.35
CA SER C 96 -12.86 -4.94 -24.23
C SER C 96 -13.97 -4.11 -23.58
N VAL C 97 -15.01 -4.80 -23.14
CA VAL C 97 -16.24 -4.16 -22.65
C VAL C 97 -16.05 -3.70 -21.21
N VAL C 98 -15.57 -2.47 -21.05
CA VAL C 98 -15.29 -1.92 -19.73
C VAL C 98 -16.48 -2.05 -18.77
N PRO C 99 -17.69 -1.61 -19.13
CA PRO C 99 -18.78 -1.63 -18.13
C PRO C 99 -19.11 -3.01 -17.60
N VAL C 100 -18.91 -4.06 -18.39
CA VAL C 100 -19.11 -5.42 -17.90
C VAL C 100 -18.10 -5.73 -16.82
N TYR C 101 -16.83 -5.38 -17.05
CA TYR C 101 -15.80 -5.69 -16.08
C TYR C 101 -15.87 -4.77 -14.88
N GLN C 102 -16.41 -3.57 -15.03
CA GLN C 102 -16.64 -2.72 -13.87
C GLN C 102 -17.66 -3.38 -12.95
N GLU C 103 -18.68 -4.01 -13.52
CA GLU C 103 -19.65 -4.73 -12.72
C GLU C 103 -18.99 -5.93 -12.03
N PHE C 104 -18.11 -6.65 -12.74
CA PHE C 104 -17.35 -7.71 -12.10
C PHE C 104 -16.64 -7.19 -10.85
N ALA C 105 -15.93 -6.08 -11.01
CA ALA C 105 -15.08 -5.56 -9.93
C ALA C 105 -15.89 -5.14 -8.72
N ARG C 106 -17.04 -4.50 -8.95
CA ARG C 106 -17.90 -4.12 -7.82
C ARG C 106 -18.34 -5.35 -7.04
N GLN C 107 -18.68 -6.43 -7.74
CA GLN C 107 -19.12 -7.64 -7.06
C GLN C 107 -17.95 -8.34 -6.38
N ILE C 108 -16.76 -8.28 -7.00
CA ILE C 108 -15.56 -8.81 -6.35
C ILE C 108 -15.29 -8.08 -5.04
N GLY C 109 -15.32 -6.76 -5.07
CA GLY C 109 -15.11 -5.95 -3.89
C GLY C 109 -13.65 -5.64 -3.64
N GLU C 110 -13.43 -4.57 -2.87
CA GLU C 110 -12.08 -4.04 -2.67
C GLU C 110 -11.17 -5.08 -2.05
N ALA C 111 -11.64 -5.72 -0.97
CA ALA C 111 -10.78 -6.60 -0.18
C ALA C 111 -10.38 -7.85 -0.97
N ARG C 112 -11.34 -8.53 -1.58
CA ARG C 112 -11.00 -9.73 -2.35
C ARG C 112 -10.15 -9.37 -3.57
N MET C 113 -10.41 -8.21 -4.19
CA MET C 113 -9.59 -7.78 -5.32
C MET C 113 -8.15 -7.56 -4.88
N SER C 114 -7.97 -6.87 -3.74
CA SER C 114 -6.63 -6.60 -3.24
C SER C 114 -5.89 -7.89 -2.89
N LYS C 115 -6.57 -8.78 -2.16
CA LYS C 115 -5.94 -10.04 -1.75
C LYS C 115 -5.50 -10.84 -2.97
N MET C 116 -6.35 -10.94 -4.00
CA MET C 116 -6.04 -11.75 -5.17
C MET C 116 -4.86 -11.18 -5.95
N LEU C 117 -4.78 -9.86 -6.08
CA LEU C 117 -3.65 -9.31 -6.82
C LEU C 117 -2.34 -9.52 -6.09
N HIS C 118 -2.36 -9.48 -4.75
CA HIS C 118 -1.17 -9.85 -4.01
C HIS C 118 -0.84 -11.31 -4.21
N ALA C 119 -1.85 -12.17 -4.21
CA ALA C 119 -1.61 -13.59 -4.50
C ALA C 119 -1.01 -13.77 -5.88
N PHE C 120 -1.43 -12.95 -6.85
CA PHE C 120 -0.89 -12.99 -8.21
C PHE C 120 0.47 -12.32 -8.35
N ASP C 121 0.96 -11.60 -7.33
CA ASP C 121 2.20 -10.86 -7.44
C ASP C 121 2.15 -9.86 -8.59
N TYR C 122 0.97 -9.26 -8.79
CA TYR C 122 0.65 -8.50 -9.99
C TYR C 122 1.11 -7.05 -9.81
N GLY C 123 2.14 -6.65 -10.54
CA GLY C 123 2.55 -5.25 -10.57
C GLY C 123 2.89 -4.74 -9.18
N ASN C 124 2.46 -3.51 -8.87
CA ASN C 124 2.65 -2.95 -7.54
C ASN C 124 1.54 -3.34 -6.56
N GLU C 125 0.58 -4.16 -6.99
CA GLU C 125 -0.44 -4.72 -6.08
C GLU C 125 -1.27 -3.64 -5.41
N ASP C 126 -1.38 -2.45 -6.01
CA ASP C 126 -2.02 -1.29 -5.40
C ASP C 126 -3.31 -0.99 -6.15
N ILE C 127 -4.45 -1.19 -5.49
CA ILE C 127 -5.75 -0.97 -6.10
C ILE C 127 -6.35 0.39 -5.69
N SER C 128 -5.54 1.30 -5.14
CA SER C 128 -6.08 2.57 -4.67
C SER C 128 -6.88 3.26 -5.76
N GLY C 129 -8.02 3.82 -5.38
CA GLY C 129 -8.95 4.40 -6.34
C GLY C 129 -10.31 3.73 -6.26
N ASN C 130 -11.13 3.93 -7.30
CA ASN C 130 -12.45 3.30 -7.34
C ASN C 130 -12.27 1.82 -7.62
N VAL C 131 -12.99 0.99 -6.85
CA VAL C 131 -12.88 -0.46 -7.03
C VAL C 131 -13.20 -0.84 -8.47
N ASP C 132 -14.03 -0.05 -9.13
CA ASP C 132 -14.45 -0.32 -10.50
C ASP C 132 -13.76 0.54 -11.55
N SER C 133 -12.61 1.16 -11.21
CA SER C 133 -11.88 1.89 -12.24
C SER C 133 -10.38 2.02 -11.94
N PHE C 134 -9.84 1.38 -10.90
CA PHE C 134 -8.48 1.64 -10.50
C PHE C 134 -7.48 1.22 -11.58
N TRP C 135 -7.84 0.25 -12.42
CA TRP C 135 -6.95 -0.16 -13.51
C TRP C 135 -6.94 0.83 -14.66
N LEU C 136 -7.85 1.81 -14.66
CA LEU C 136 -7.92 2.85 -15.67
C LEU C 136 -7.45 4.21 -15.20
N ASP C 137 -7.66 4.54 -13.92
CA ASP C 137 -7.26 5.84 -13.41
C ASP C 137 -6.92 5.80 -11.92
N GLY C 138 -6.59 4.64 -11.38
CA GLY C 138 -6.19 4.48 -10.00
C GLY C 138 -4.69 4.28 -9.84
N GLY C 139 -4.32 3.62 -8.75
CA GLY C 139 -2.92 3.54 -8.38
C GLY C 139 -2.14 2.34 -8.88
N ILE C 140 -2.80 1.40 -9.54
CA ILE C 140 -2.13 0.15 -9.92
C ILE C 140 -1.20 0.43 -11.08
N ARG C 141 -0.02 -0.18 -11.05
CA ARG C 141 0.98 0.01 -12.10
C ARG C 141 1.66 -1.33 -12.35
N ILE C 142 1.99 -1.59 -13.61
CA ILE C 142 2.64 -2.84 -13.98
C ILE C 142 3.50 -2.58 -15.21
N SER C 143 4.69 -3.18 -15.23
CA SER C 143 5.61 -3.07 -16.35
C SER C 143 5.42 -4.23 -17.33
N ALA C 144 6.04 -4.10 -18.50
CA ALA C 144 5.98 -5.15 -19.53
C ALA C 144 6.60 -6.46 -19.05
N THR C 145 7.76 -6.40 -18.37
CA THR C 145 8.37 -7.62 -17.85
C THR C 145 7.50 -8.24 -16.77
N GLU C 146 6.85 -7.42 -15.95
CA GLU C 146 5.95 -7.94 -14.93
C GLU C 146 4.70 -8.54 -15.56
N GLN C 147 4.25 -7.98 -16.68
CA GLN C 147 3.17 -8.60 -17.43
C GLN C 147 3.57 -10.00 -17.88
N ILE C 148 4.80 -10.15 -18.40
CA ILE C 148 5.24 -11.46 -18.85
C ILE C 148 5.37 -12.43 -17.68
N SER C 149 5.89 -11.97 -16.54
CA SER C 149 6.00 -12.86 -15.38
C SER C 149 4.64 -13.40 -14.97
N PHE C 150 3.63 -12.53 -14.97
CA PHE C 150 2.26 -12.94 -14.62
C PHE C 150 1.69 -13.89 -15.68
N LEU C 151 1.91 -13.59 -16.96
CA LEU C 151 1.39 -14.44 -18.03
C LEU C 151 2.03 -15.82 -17.99
N ARG C 152 3.31 -15.91 -17.66
CA ARG C 152 3.95 -17.22 -17.58
C ARG C 152 3.27 -18.09 -16.54
N LYS C 153 2.92 -17.52 -15.39
CA LYS C 153 2.20 -18.30 -14.39
C LYS C 153 0.86 -18.77 -14.95
N LEU C 154 0.12 -17.88 -15.60
CA LEU C 154 -1.17 -18.26 -16.19
C LEU C 154 -0.99 -19.40 -17.18
N TYR C 155 -0.01 -19.28 -18.07
CA TYR C 155 0.20 -20.33 -19.07
C TYR C 155 0.41 -21.68 -18.41
N HIS C 156 1.15 -21.73 -17.31
CA HIS C 156 1.48 -22.98 -16.64
C HIS C 156 0.47 -23.37 -15.57
N ASN C 157 -0.66 -22.66 -15.48
CA ASN C 157 -1.68 -22.93 -14.46
C ASN C 157 -1.12 -22.79 -13.06
N LYS C 158 -0.17 -21.87 -12.87
CA LYS C 158 0.50 -21.68 -11.60
C LYS C 158 -0.09 -20.55 -10.76
N LEU C 159 -1.06 -19.81 -11.28
CA LEU C 159 -1.70 -18.79 -10.45
C LEU C 159 -2.56 -19.45 -9.39
N HIS C 160 -2.75 -18.72 -8.30
CA HIS C 160 -3.44 -19.26 -7.12
C HIS C 160 -4.95 -19.06 -7.26
N VAL C 161 -5.45 -19.60 -8.37
CA VAL C 161 -6.87 -19.82 -8.60
C VAL C 161 -6.98 -21.20 -9.24
N SER C 162 -8.22 -21.67 -9.42
CA SER C 162 -8.42 -23.02 -9.92
C SER C 162 -7.84 -23.15 -11.33
N GLU C 163 -7.46 -24.38 -11.67
CA GLU C 163 -7.06 -24.69 -13.04
C GLU C 163 -8.17 -24.32 -14.01
N ARG C 164 -9.42 -24.58 -13.63
CA ARG C 164 -10.55 -24.29 -14.50
C ARG C 164 -10.62 -22.80 -14.82
N SER C 165 -10.52 -21.95 -13.80
CA SER C 165 -10.55 -20.51 -14.05
C SER C 165 -9.46 -20.10 -15.04
N GLN C 166 -8.26 -20.64 -14.88
CA GLN C 166 -7.16 -20.28 -15.77
C GLN C 166 -7.38 -20.80 -17.18
N ARG C 167 -7.90 -22.01 -17.32
CA ARG C 167 -8.22 -22.51 -18.66
C ARG C 167 -9.28 -21.65 -19.33
N ILE C 168 -10.31 -21.24 -18.59
CA ILE C 168 -11.37 -20.44 -19.20
C ILE C 168 -10.82 -19.09 -19.66
N VAL C 169 -9.97 -18.46 -18.85
CA VAL C 169 -9.43 -17.16 -19.23
C VAL C 169 -8.54 -17.30 -20.47
N LYS C 170 -7.74 -18.36 -20.53
CA LYS C 170 -6.88 -18.54 -21.70
C LYS C 170 -7.70 -18.80 -22.96
N GLN C 171 -8.84 -19.48 -22.84
CA GLN C 171 -9.76 -19.60 -23.97
C GLN C 171 -10.24 -18.22 -24.41
N ALA C 172 -10.66 -17.39 -23.46
CA ALA C 172 -11.14 -16.04 -23.75
C ALA C 172 -10.04 -15.14 -24.31
N MET C 173 -8.78 -15.44 -24.02
CA MET C 173 -7.70 -14.66 -24.58
C MET C 173 -7.41 -15.02 -26.04
N LEU C 174 -8.02 -16.07 -26.56
CA LEU C 174 -7.73 -16.48 -27.94
C LEU C 174 -7.98 -15.31 -28.89
N THR C 175 -6.94 -14.95 -29.63
CA THR C 175 -6.97 -13.83 -30.56
C THR C 175 -6.78 -14.25 -32.00
N GLU C 176 -5.85 -15.16 -32.27
CA GLU C 176 -5.58 -15.57 -33.64
C GLU C 176 -5.01 -16.97 -33.64
N ALA C 177 -5.36 -17.77 -34.63
CA ALA C 177 -4.84 -19.12 -34.75
C ALA C 177 -4.86 -19.52 -36.22
N ASN C 178 -3.77 -20.14 -36.65
CA ASN C 178 -3.67 -20.71 -37.98
C ASN C 178 -2.73 -21.91 -37.90
N GLY C 179 -2.35 -22.44 -39.06
CA GLY C 179 -1.49 -23.61 -39.07
C GLY C 179 -0.08 -23.37 -38.58
N ASP C 180 0.30 -22.10 -38.37
CA ASP C 180 1.65 -21.75 -37.97
C ASP C 180 1.77 -21.35 -36.51
N TYR C 181 0.74 -20.75 -35.91
CA TYR C 181 0.87 -20.27 -34.55
C TYR C 181 -0.51 -19.98 -33.98
N ILE C 182 -0.55 -19.86 -32.65
CA ILE C 182 -1.72 -19.42 -31.90
C ILE C 182 -1.29 -18.23 -31.06
N ILE C 183 -2.09 -17.16 -31.06
CA ILE C 183 -1.87 -16.00 -30.19
C ILE C 183 -3.00 -15.94 -29.18
N ARG C 184 -2.63 -15.92 -27.91
CA ARG C 184 -3.51 -15.58 -26.81
C ARG C 184 -3.00 -14.29 -26.20
N ALA C 185 -3.85 -13.28 -26.10
CA ALA C 185 -3.37 -11.95 -25.77
C ALA C 185 -4.55 -11.07 -25.38
N LYS C 186 -4.23 -9.86 -24.90
CA LYS C 186 -5.22 -8.86 -24.54
C LYS C 186 -4.66 -7.49 -24.83
N THR C 187 -5.45 -6.67 -25.51
CA THR C 187 -5.08 -5.29 -25.77
C THR C 187 -5.42 -4.42 -24.57
N GLY C 188 -4.77 -3.26 -24.53
CA GLY C 188 -5.09 -2.25 -23.53
C GLY C 188 -4.91 -0.87 -24.12
N TYR C 189 -5.67 0.08 -23.60
CA TYR C 189 -5.63 1.45 -24.09
C TYR C 189 -5.85 2.37 -22.88
N SER C 190 -4.79 3.02 -22.42
CA SER C 190 -4.83 3.85 -21.23
C SER C 190 -4.93 5.31 -21.64
N THR C 191 -6.07 5.94 -21.34
CA THR C 191 -6.36 7.31 -21.76
C THR C 191 -6.65 8.27 -20.62
N ARG C 192 -6.99 7.78 -19.43
CA ARG C 192 -7.50 8.66 -18.40
C ARG C 192 -6.40 9.43 -17.69
N ILE C 193 -5.19 8.89 -17.65
CA ILE C 193 -4.06 9.50 -16.96
C ILE C 193 -2.84 9.46 -17.87
N GLU C 194 -2.09 10.56 -17.92
CA GLU C 194 -0.92 10.62 -18.75
C GLU C 194 0.17 9.69 -18.20
N PRO C 195 1.02 9.13 -19.07
CA PRO C 195 0.97 9.25 -20.52
C PRO C 195 -0.04 8.28 -21.16
N LYS C 196 -0.76 8.72 -22.18
CA LYS C 196 -1.65 7.82 -22.91
C LYS C 196 -0.80 6.77 -23.64
N ILE C 197 -1.14 5.50 -23.45
CA ILE C 197 -0.39 4.40 -24.05
C ILE C 197 -1.35 3.30 -24.50
N GLY C 198 -0.86 2.49 -25.42
CA GLY C 198 -1.52 1.25 -25.80
C GLY C 198 -0.69 0.06 -25.33
N TRP C 199 -1.38 -1.03 -25.02
CA TRP C 199 -0.76 -2.29 -24.60
C TRP C 199 -1.11 -3.41 -25.59
N TRP C 200 -0.23 -4.41 -25.68
CA TRP C 200 -0.61 -5.74 -26.16
C TRP C 200 0.27 -6.74 -25.43
N VAL C 201 -0.35 -7.64 -24.67
CA VAL C 201 0.35 -8.62 -23.86
C VAL C 201 -0.27 -9.99 -24.12
N GLY C 202 0.57 -11.02 -24.10
CA GLY C 202 0.09 -12.38 -24.34
C GLY C 202 1.25 -13.28 -24.73
N TRP C 203 0.95 -14.25 -25.60
CA TRP C 203 2.01 -15.14 -26.03
C TRP C 203 1.65 -15.78 -27.37
N VAL C 204 2.69 -16.28 -28.02
CA VAL C 204 2.58 -16.99 -29.29
C VAL C 204 2.93 -18.45 -29.01
N GLU C 205 2.00 -19.35 -29.30
CA GLU C 205 2.24 -20.78 -29.16
C GLU C 205 2.74 -21.31 -30.50
N LEU C 206 3.90 -21.95 -30.48
CA LEU C 206 4.44 -22.68 -31.61
C LEU C 206 4.40 -24.17 -31.29
N ASP C 207 4.73 -25.00 -32.29
CA ASP C 207 4.74 -26.44 -32.09
C ASP C 207 5.59 -26.87 -30.89
N ASP C 208 6.79 -26.28 -30.73
CA ASP C 208 7.72 -26.76 -29.71
C ASP C 208 8.27 -25.64 -28.84
N ASN C 209 7.60 -24.51 -28.76
CA ASN C 209 8.05 -23.42 -27.91
C ASN C 209 6.89 -22.46 -27.72
N VAL C 210 7.02 -21.58 -26.73
CA VAL C 210 6.07 -20.49 -26.52
C VAL C 210 6.87 -19.21 -26.34
N TRP C 211 6.47 -18.16 -27.04
CA TRP C 211 7.09 -16.85 -26.91
C TRP C 211 6.10 -15.93 -26.21
N PHE C 212 6.43 -15.51 -25.00
CA PHE C 212 5.62 -14.53 -24.31
C PHE C 212 6.01 -13.14 -24.78
N PHE C 213 5.03 -12.24 -24.83
CA PHE C 213 5.31 -10.88 -25.24
C PHE C 213 4.51 -9.89 -24.42
N ALA C 214 5.06 -8.69 -24.28
CA ALA C 214 4.35 -7.56 -23.70
C ALA C 214 4.89 -6.32 -24.39
N MET C 215 4.00 -5.50 -24.94
CA MET C 215 4.40 -4.27 -25.59
C MET C 215 3.52 -3.13 -25.11
N ASN C 216 4.13 -1.94 -24.99
CA ASN C 216 3.34 -0.73 -24.86
C ASN C 216 3.99 0.37 -25.68
N MET C 217 3.18 1.37 -26.02
CA MET C 217 3.61 2.45 -26.90
C MET C 217 2.78 3.69 -26.60
N ASP C 218 3.40 4.86 -26.78
CA ASP C 218 2.68 6.10 -26.65
C ASP C 218 1.52 6.14 -27.64
N MET C 219 0.35 6.58 -27.16
CA MET C 219 -0.87 6.56 -27.96
C MET C 219 -1.62 7.87 -27.73
N PRO C 220 -1.09 8.97 -28.27
CA PRO C 220 -1.75 10.27 -28.04
C PRO C 220 -3.16 10.34 -28.61
N THR C 221 -3.45 9.60 -29.68
CA THR C 221 -4.79 9.55 -30.24
C THR C 221 -5.10 8.10 -30.62
N SER C 222 -6.39 7.80 -30.70
CA SER C 222 -6.84 6.45 -31.01
C SER C 222 -6.45 6.01 -32.42
N ASP C 223 -5.98 6.94 -33.27
CA ASP C 223 -5.67 6.59 -34.66
C ASP C 223 -4.62 5.50 -34.76
N GLY C 224 -3.70 5.41 -33.80
CA GLY C 224 -2.59 4.49 -33.87
C GLY C 224 -2.80 3.15 -33.21
N LEU C 225 -4.02 2.83 -32.77
CA LEU C 225 -4.23 1.62 -31.99
C LEU C 225 -3.82 0.36 -32.75
N GLY C 226 -4.04 0.35 -34.06
CA GLY C 226 -3.66 -0.81 -34.85
C GLY C 226 -2.18 -1.09 -34.84
N LEU C 227 -1.37 -0.09 -34.48
CA LEU C 227 0.07 -0.30 -34.44
C LEU C 227 0.51 -1.21 -33.30
N ARG C 228 -0.33 -1.37 -32.28
CA ARG C 228 0.02 -2.25 -31.17
C ARG C 228 0.30 -3.66 -31.68
N GLN C 229 -0.64 -4.23 -32.44
CA GLN C 229 -0.43 -5.56 -33.01
C GLN C 229 0.56 -5.51 -34.17
N ALA C 230 0.51 -4.47 -34.98
CA ALA C 230 1.32 -4.43 -36.20
C ALA C 230 2.81 -4.38 -35.87
N ILE C 231 3.21 -3.50 -34.95
CA ILE C 231 4.61 -3.40 -34.58
C ILE C 231 5.07 -4.70 -33.93
N THR C 232 4.25 -5.25 -33.03
CA THR C 232 4.58 -6.53 -32.40
C THR C 232 4.84 -7.60 -33.45
N LYS C 233 3.97 -7.68 -34.46
CA LYS C 233 4.13 -8.71 -35.48
C LYS C 233 5.36 -8.47 -36.34
N GLU C 234 5.74 -7.21 -36.54
CA GLU C 234 6.95 -6.93 -37.29
C GLU C 234 8.19 -7.44 -36.56
N VAL C 235 8.20 -7.33 -35.23
CA VAL C 235 9.28 -7.88 -34.44
C VAL C 235 9.26 -9.39 -34.48
N LEU C 236 8.09 -9.98 -34.29
CA LEU C 236 7.98 -11.44 -34.37
C LEU C 236 8.45 -11.95 -35.72
N LYS C 237 8.08 -11.26 -36.81
CA LYS C 237 8.52 -11.66 -38.13
C LYS C 237 10.04 -11.54 -38.27
N GLN C 238 10.60 -10.42 -37.80
CA GLN C 238 12.04 -10.23 -37.89
C GLN C 238 12.79 -11.36 -37.19
N GLU C 239 12.30 -11.76 -36.02
CA GLU C 239 12.93 -12.83 -35.24
C GLU C 239 12.53 -14.23 -35.70
N LYS C 240 11.86 -14.36 -36.85
CA LYS C 240 11.51 -15.66 -37.41
C LYS C 240 10.62 -16.46 -36.46
N ILE C 241 9.89 -15.78 -35.57
CA ILE C 241 8.94 -16.49 -34.71
C ILE C 241 7.67 -16.81 -35.48
N ILE C 242 7.23 -15.91 -36.36
CA ILE C 242 6.11 -16.19 -37.25
C ILE C 242 6.55 -15.88 -38.67
N PRO C 243 5.89 -16.49 -39.68
CA PRO C 243 6.22 -16.18 -41.07
C PRO C 243 5.88 -14.74 -41.43
N GLU D 2 7.37 -34.06 20.50
CA GLU D 2 8.22 -33.16 19.73
C GLU D 2 7.39 -32.28 18.82
N TRP D 3 7.80 -31.02 18.70
CA TRP D 3 7.14 -30.04 17.86
C TRP D 3 8.12 -29.44 16.85
N GLN D 4 7.68 -29.36 15.60
CA GLN D 4 8.48 -28.82 14.51
C GLN D 4 7.72 -27.67 13.88
N GLU D 5 8.45 -26.61 13.55
CA GLU D 5 7.87 -25.42 12.95
C GLU D 5 8.23 -25.40 11.46
N ASN D 6 7.22 -25.21 10.61
CA ASN D 6 7.39 -25.16 9.16
C ASN D 6 6.78 -23.84 8.71
N LYS D 7 7.61 -22.79 8.65
CA LYS D 7 7.12 -21.47 8.31
C LYS D 7 6.70 -21.35 6.85
N SER D 8 7.03 -22.33 6.01
CA SER D 8 6.59 -22.28 4.62
C SER D 8 5.07 -22.34 4.49
N TRP D 9 4.38 -22.88 5.50
CA TRP D 9 2.93 -22.86 5.50
C TRP D 9 2.37 -21.44 5.59
N ASN D 10 3.15 -20.50 6.14
CA ASN D 10 2.68 -19.11 6.24
C ASN D 10 2.24 -18.58 4.89
N ALA D 11 2.82 -19.10 3.80
CA ALA D 11 2.41 -18.68 2.47
C ALA D 11 0.91 -18.90 2.26
N HIS D 12 0.35 -19.95 2.86
CA HIS D 12 -1.07 -20.22 2.67
C HIS D 12 -1.93 -19.16 3.35
N PHE D 13 -1.41 -18.52 4.41
CA PHE D 13 -2.10 -17.40 5.03
C PHE D 13 -1.77 -16.08 4.34
N THR D 14 -0.48 -15.83 4.08
CA THR D 14 -0.05 -14.57 3.48
C THR D 14 -0.77 -14.28 2.16
N GLU D 15 -0.95 -15.31 1.33
CA GLU D 15 -1.56 -15.07 0.02
C GLU D 15 -2.92 -14.41 0.12
N HIS D 16 -3.66 -14.69 1.20
CA HIS D 16 -4.94 -14.05 1.46
C HIS D 16 -4.80 -12.86 2.41
N LYS D 17 -3.58 -12.34 2.58
CA LYS D 17 -3.35 -11.22 3.51
C LYS D 17 -3.99 -11.51 4.86
N SER D 18 -3.95 -12.78 5.26
CA SER D 18 -4.47 -13.22 6.54
C SER D 18 -3.32 -13.75 7.39
N GLN D 19 -3.62 -13.93 8.66
CA GLN D 19 -2.69 -14.50 9.62
C GLN D 19 -3.42 -15.55 10.42
N GLY D 20 -2.73 -16.63 10.75
CA GLY D 20 -3.34 -17.69 11.51
C GLY D 20 -2.34 -18.79 11.76
N VAL D 21 -2.86 -19.91 12.25
CA VAL D 21 -2.02 -21.06 12.59
C VAL D 21 -2.73 -22.32 12.15
N VAL D 22 -1.96 -23.26 11.62
CA VAL D 22 -2.39 -24.64 11.44
C VAL D 22 -1.50 -25.50 12.34
N VAL D 23 -2.11 -26.38 13.11
CA VAL D 23 -1.40 -27.34 13.95
C VAL D 23 -1.81 -28.74 13.50
N LEU D 24 -0.82 -29.56 13.16
CA LEU D 24 -1.05 -30.95 12.80
C LEU D 24 -0.36 -31.87 13.80
N TRP D 25 -0.99 -33.01 14.08
CA TRP D 25 -0.43 -34.01 14.98
C TRP D 25 -0.53 -35.38 14.31
N ASN D 26 0.62 -36.01 14.10
CA ASN D 26 0.73 -37.35 13.55
C ASN D 26 0.60 -38.35 14.70
N GLU D 27 -0.52 -39.07 14.75
CA GLU D 27 -0.78 -39.97 15.88
C GLU D 27 0.21 -41.11 15.94
N ASN D 28 0.52 -41.72 14.79
CA ASN D 28 1.45 -42.86 14.80
C ASN D 28 2.80 -42.46 15.35
N LYS D 29 3.33 -41.34 14.88
CA LYS D 29 4.68 -40.93 15.24
C LYS D 29 4.72 -40.01 16.46
N GLN D 30 3.58 -39.59 16.98
CA GLN D 30 3.52 -38.71 18.14
C GLN D 30 4.37 -37.47 17.90
N GLN D 31 4.13 -36.83 16.75
CA GLN D 31 4.88 -35.66 16.34
C GLN D 31 3.92 -34.58 15.86
N GLY D 32 4.22 -33.35 16.25
CA GLY D 32 3.42 -32.20 15.88
C GLY D 32 4.13 -31.28 14.92
N PHE D 33 3.36 -30.50 14.17
CA PHE D 33 3.86 -29.63 13.12
C PHE D 33 2.98 -28.40 13.09
N THR D 34 3.59 -27.23 12.99
CA THR D 34 2.83 -25.99 12.90
C THR D 34 3.65 -24.94 12.17
N ASN D 35 2.95 -23.95 11.61
CA ASN D 35 3.63 -22.81 11.01
C ASN D 35 4.05 -21.77 12.03
N ASN D 36 3.51 -21.80 13.25
CA ASN D 36 3.73 -20.73 14.22
C ASN D 36 3.58 -21.34 15.61
N LEU D 37 4.71 -21.70 16.22
CA LEU D 37 4.68 -22.35 17.52
C LEU D 37 4.00 -21.47 18.55
N LYS D 38 4.23 -20.15 18.49
CA LYS D 38 3.64 -19.24 19.46
C LYS D 38 2.13 -19.21 19.32
N ARG D 39 1.61 -18.91 18.13
CA ARG D 39 0.17 -18.83 17.98
C ARG D 39 -0.48 -20.19 18.20
N ALA D 40 0.24 -21.27 17.92
CA ALA D 40 -0.27 -22.61 18.19
C ALA D 40 -0.65 -22.77 19.65
N ASN D 41 -0.01 -22.03 20.54
CA ASN D 41 -0.28 -22.11 21.97
C ASN D 41 -1.02 -20.90 22.49
N GLN D 42 -1.51 -20.04 21.60
CA GLN D 42 -2.29 -18.89 22.03
C GLN D 42 -3.72 -19.33 22.25
N ALA D 43 -4.28 -18.98 23.41
CA ALA D 43 -5.60 -19.45 23.80
C ALA D 43 -6.63 -18.39 23.41
N PHE D 44 -7.65 -18.82 22.68
CA PHE D 44 -8.74 -17.98 22.22
C PHE D 44 -10.06 -18.52 22.75
N LEU D 45 -11.10 -17.71 22.63
CA LEU D 45 -12.45 -18.21 22.78
C LEU D 45 -12.66 -19.37 21.81
N PRO D 46 -13.25 -20.48 22.25
CA PRO D 46 -13.49 -21.60 21.32
C PRO D 46 -14.64 -21.37 20.37
N ALA D 47 -15.56 -20.47 20.73
CA ALA D 47 -16.79 -20.25 19.98
C ALA D 47 -17.41 -21.61 19.65
N SER D 48 -17.86 -21.81 18.43
CA SER D 48 -18.68 -22.98 18.14
C SER D 48 -17.90 -24.29 18.16
N THR D 49 -16.57 -24.28 18.28
CA THR D 49 -15.89 -25.53 18.54
C THR D 49 -16.26 -26.10 19.90
N PHE D 50 -16.83 -25.28 20.79
CA PHE D 50 -17.26 -25.75 22.11
C PHE D 50 -18.46 -26.70 22.00
N KCX D 51 -19.10 -26.76 20.83
CA KCX D 51 -20.24 -27.67 20.68
CB KCX D 51 -20.92 -27.44 19.33
CG KCX D 51 -21.75 -26.14 19.30
CD KCX D 51 -22.57 -25.97 18.03
CE KCX D 51 -23.41 -24.69 18.07
NZ KCX D 51 -22.55 -23.46 18.21
C KCX D 51 -19.80 -29.13 20.85
O KCX D 51 -20.62 -29.98 21.20
CX KCX D 51 -22.41 -22.83 19.38
OQ1 KCX D 51 -21.66 -21.83 19.45
OQ2 KCX D 51 -22.99 -23.21 20.39
H KCX D 51 -18.90 -26.30 20.14
HA KCX D 51 -20.89 -27.47 21.38
HB2 KCX D 51 -20.25 -27.38 18.64
HG2 KCX D 51 -22.37 -26.14 20.05
HD2 KCX D 51 -21.97 -25.91 17.26
HE2 KCX D 51 -24.01 -24.72 18.83
N ILE D 52 -18.52 -29.41 20.63
CA ILE D 52 -18.01 -30.76 20.87
C ILE D 52 -18.13 -31.11 22.36
N PRO D 53 -17.42 -30.40 23.26
CA PRO D 53 -17.58 -30.71 24.68
C PRO D 53 -19.01 -30.54 25.17
N ASN D 54 -19.69 -29.51 24.68
CA ASN D 54 -21.07 -29.27 25.10
C ASN D 54 -21.97 -30.45 24.71
N SER D 55 -21.81 -30.99 23.50
CA SER D 55 -22.57 -32.16 23.11
C SER D 55 -22.27 -33.35 24.01
N LEU D 56 -20.97 -33.59 24.28
CA LEU D 56 -20.58 -34.71 25.13
C LEU D 56 -21.26 -34.61 26.49
N ILE D 57 -21.25 -33.42 27.08
CA ILE D 57 -21.81 -33.25 28.41
C ILE D 57 -23.32 -33.45 28.37
N ALA D 58 -23.99 -32.87 27.38
CA ALA D 58 -25.44 -32.98 27.32
C ALA D 58 -25.87 -34.43 27.15
N LEU D 59 -25.17 -35.19 26.30
CA LEU D 59 -25.49 -36.60 26.12
C LEU D 59 -25.23 -37.38 27.41
N ASP D 60 -24.09 -37.14 28.05
CA ASP D 60 -23.75 -37.96 29.21
C ASP D 60 -24.70 -37.69 30.37
N LEU D 61 -25.24 -36.48 30.45
CA LEU D 61 -26.18 -36.13 31.52
C LEU D 61 -27.63 -36.44 31.15
N GLY D 62 -27.89 -36.95 29.95
CA GLY D 62 -29.26 -37.23 29.55
C GLY D 62 -30.05 -36.02 29.13
N VAL D 63 -29.40 -34.84 29.04
CA VAL D 63 -30.06 -33.67 28.46
C VAL D 63 -30.44 -33.96 27.01
N VAL D 64 -29.57 -34.66 26.30
CA VAL D 64 -29.86 -35.17 24.97
C VAL D 64 -29.97 -36.69 25.09
N LYS D 65 -31.11 -37.24 24.65
CA LYS D 65 -31.34 -38.67 24.75
C LYS D 65 -30.47 -39.44 23.76
N ASP D 66 -30.49 -39.01 22.50
CA ASP D 66 -29.74 -39.66 21.43
C ASP D 66 -29.68 -38.67 20.28
N GLU D 67 -29.07 -39.11 19.18
CA GLU D 67 -28.84 -38.23 18.04
C GLU D 67 -30.12 -37.98 17.22
N HIS D 68 -31.23 -38.62 17.57
CA HIS D 68 -32.49 -38.44 16.87
C HIS D 68 -33.45 -37.48 17.57
N GLN D 69 -33.24 -37.22 18.87
CA GLN D 69 -34.13 -36.34 19.60
C GLN D 69 -34.22 -35.00 18.89
N VAL D 70 -35.45 -34.52 18.71
CA VAL D 70 -35.73 -33.30 17.97
C VAL D 70 -35.84 -32.14 18.95
N PHE D 71 -35.09 -31.09 18.70
CA PHE D 71 -35.16 -29.85 19.47
C PHE D 71 -35.91 -28.82 18.64
N LYS D 72 -37.13 -28.51 19.06
CA LYS D 72 -38.00 -27.67 18.26
C LYS D 72 -37.51 -26.23 18.23
N TRP D 73 -37.57 -25.63 17.05
CA TRP D 73 -37.35 -24.20 16.91
C TRP D 73 -38.28 -23.46 17.88
N ASP D 74 -37.72 -22.48 18.59
CA ASP D 74 -38.47 -21.73 19.57
C ASP D 74 -39.35 -20.65 18.94
N GLY D 75 -39.45 -20.61 17.61
CA GLY D 75 -40.29 -19.65 16.92
C GLY D 75 -39.73 -18.26 16.82
N GLN D 76 -38.52 -18.02 17.33
CA GLN D 76 -37.89 -16.71 17.21
C GLN D 76 -37.07 -16.68 15.94
N THR D 77 -37.45 -15.81 15.00
CA THR D 77 -36.73 -15.72 13.74
C THR D 77 -35.36 -15.12 13.99
N ARG D 78 -34.32 -15.88 13.66
CA ARG D 78 -32.96 -15.41 13.78
C ARG D 78 -32.38 -15.24 12.38
N ASP D 79 -31.26 -14.53 12.30
CA ASP D 79 -30.78 -14.06 11.02
C ASP D 79 -29.99 -15.12 10.24
N ILE D 80 -29.76 -16.30 10.79
CA ILE D 80 -29.22 -17.42 10.03
C ILE D 80 -30.37 -18.38 9.76
N ALA D 81 -30.74 -18.49 8.48
CA ALA D 81 -31.98 -19.17 8.10
C ALA D 81 -32.01 -20.62 8.59
N THR D 82 -30.89 -21.34 8.49
CA THR D 82 -30.89 -22.75 8.87
C THR D 82 -31.15 -22.96 10.36
N TRP D 83 -31.07 -21.90 11.18
CA TRP D 83 -31.39 -21.99 12.60
C TRP D 83 -32.89 -21.95 12.86
N ASN D 84 -33.68 -21.44 11.92
CA ASN D 84 -35.11 -21.23 12.12
C ASN D 84 -35.91 -22.47 11.72
N ARG D 85 -35.55 -23.60 12.32
CA ARG D 85 -36.18 -24.88 12.02
C ARG D 85 -35.82 -25.86 13.12
N ASP D 86 -36.54 -26.98 13.15
CA ASP D 86 -36.24 -28.03 14.11
C ASP D 86 -34.90 -28.68 13.78
N HIS D 87 -34.24 -29.17 14.80
CA HIS D 87 -32.92 -29.78 14.66
C HIS D 87 -32.81 -31.00 15.55
N ASN D 88 -31.92 -31.90 15.18
CA ASN D 88 -31.42 -32.91 16.08
C ASN D 88 -29.93 -32.65 16.31
N LEU D 89 -29.27 -33.54 17.03
CA LEU D 89 -27.88 -33.30 17.37
C LEU D 89 -27.01 -33.23 16.12
N ILE D 90 -27.30 -34.09 15.13
CA ILE D 90 -26.52 -34.11 13.90
C ILE D 90 -26.67 -32.79 13.16
N THR D 91 -27.92 -32.37 12.93
CA THR D 91 -28.12 -31.14 12.16
C THR D 91 -27.73 -29.92 12.98
N ALA D 92 -27.91 -29.96 14.31
CA ALA D 92 -27.49 -28.84 15.15
C ALA D 92 -26.00 -28.58 15.02
N MET D 93 -25.19 -29.64 15.01
N MET D 93 -25.19 -29.64 14.98
CA MET D 93 -23.76 -29.47 14.85
CA MET D 93 -23.75 -29.45 14.85
C MET D 93 -23.42 -29.05 13.42
C MET D 93 -23.37 -29.08 13.41
N LYS D 94 -24.06 -29.67 12.43
CA LYS D 94 -23.79 -29.34 11.03
C LYS D 94 -24.01 -27.87 10.75
N TYR D 95 -25.09 -27.30 11.26
CA TYR D 95 -25.44 -25.91 11.01
C TYR D 95 -25.05 -24.99 12.17
N SER D 96 -24.27 -25.50 13.12
CA SER D 96 -23.73 -24.73 14.24
C SER D 96 -24.84 -23.88 14.89
N VAL D 97 -25.89 -24.58 15.32
CA VAL D 97 -27.12 -23.94 15.82
C VAL D 97 -26.93 -23.48 17.25
N VAL D 98 -26.47 -22.24 17.41
CA VAL D 98 -26.19 -21.69 18.74
C VAL D 98 -27.38 -21.83 19.70
N PRO D 99 -28.59 -21.40 19.33
CA PRO D 99 -29.69 -21.41 20.32
C PRO D 99 -30.01 -22.79 20.84
N VAL D 100 -29.80 -23.84 20.05
CA VAL D 100 -30.02 -25.20 20.54
C VAL D 100 -29.02 -25.51 21.66
N TYR D 101 -27.75 -25.18 21.43
CA TYR D 101 -26.72 -25.49 22.41
C TYR D 101 -26.78 -24.57 23.62
N GLN D 102 -27.31 -23.35 23.46
CA GLN D 102 -27.58 -22.50 24.61
C GLN D 102 -28.62 -23.15 25.51
N GLU D 103 -29.64 -23.77 24.93
CA GLU D 103 -30.62 -24.48 25.75
C GLU D 103 -29.97 -25.68 26.45
N PHE D 104 -29.12 -26.43 25.74
CA PHE D 104 -28.36 -27.50 26.39
C PHE D 104 -27.63 -26.98 27.63
N ALA D 105 -26.92 -25.86 27.47
CA ALA D 105 -26.07 -25.35 28.53
C ALA D 105 -26.88 -24.90 29.74
N ARG D 106 -28.04 -24.28 29.50
CA ARG D 106 -28.91 -23.90 30.61
C ARG D 106 -29.36 -25.13 31.40
N GLN D 107 -29.67 -26.22 30.69
CA GLN D 107 -30.11 -27.44 31.37
C GLN D 107 -28.94 -28.12 32.07
N ILE D 108 -27.75 -28.06 31.48
CA ILE D 108 -26.57 -28.60 32.14
C ILE D 108 -26.32 -27.85 33.44
N GLY D 109 -26.33 -26.52 33.38
CA GLY D 109 -26.12 -25.70 34.55
C GLY D 109 -24.66 -25.43 34.83
N GLU D 110 -24.42 -24.36 35.60
CA GLU D 110 -23.07 -23.88 35.84
C GLU D 110 -22.22 -24.94 36.52
N ALA D 111 -22.74 -25.56 37.58
CA ALA D 111 -21.92 -26.44 38.39
C ALA D 111 -21.48 -27.67 37.61
N ARG D 112 -22.41 -28.33 36.93
CA ARG D 112 -22.04 -29.51 36.15
C ARG D 112 -21.16 -29.14 34.97
N MET D 113 -21.40 -27.99 34.34
CA MET D 113 -20.56 -27.56 33.22
C MET D 113 -19.11 -27.37 33.68
N SER D 114 -18.92 -26.68 34.80
CA SER D 114 -17.57 -26.43 35.29
C SER D 114 -16.87 -27.73 35.67
N LYS D 115 -17.57 -28.60 36.41
CA LYS D 115 -16.98 -29.88 36.80
C LYS D 115 -16.55 -30.70 35.59
N MET D 116 -17.39 -30.76 34.55
CA MET D 116 -17.07 -31.57 33.38
C MET D 116 -15.88 -31.01 32.63
N LEU D 117 -15.79 -29.69 32.51
CA LEU D 117 -14.66 -29.12 31.77
C LEU D 117 -13.35 -29.31 32.52
N HIS D 118 -13.39 -29.30 33.85
CA HIS D 118 -12.19 -29.67 34.61
C HIS D 118 -11.85 -31.14 34.38
N ALA D 119 -12.85 -32.02 34.39
CA ALA D 119 -12.61 -33.42 34.08
C ALA D 119 -12.01 -33.59 32.68
N PHE D 120 -12.44 -32.76 31.73
CA PHE D 120 -11.91 -32.80 30.37
C PHE D 120 -10.54 -32.15 30.23
N ASP D 121 -10.07 -31.42 31.24
CA ASP D 121 -8.81 -30.67 31.14
C ASP D 121 -8.88 -29.67 29.99
N TYR D 122 -10.07 -29.10 29.80
CA TYR D 122 -10.38 -28.33 28.60
C TYR D 122 -9.93 -26.87 28.78
N GLY D 123 -8.89 -26.49 28.04
CA GLY D 123 -8.49 -25.09 28.00
C GLY D 123 -8.12 -24.56 29.37
N ASN D 124 -8.56 -23.33 29.66
CA ASN D 124 -8.35 -22.77 30.99
C ASN D 124 -9.46 -23.15 31.96
N GLU D 125 -10.44 -23.95 31.54
CA GLU D 125 -11.45 -24.51 32.43
C GLU D 125 -12.29 -23.42 33.11
N ASP D 126 -12.39 -22.24 32.51
CA ASP D 126 -13.02 -21.07 33.12
C ASP D 126 -14.32 -20.77 32.38
N ILE D 127 -15.46 -20.97 33.04
CA ILE D 127 -16.76 -20.76 32.42
C ILE D 127 -17.39 -19.42 32.84
N SER D 128 -16.58 -18.52 33.40
CA SER D 128 -17.10 -17.24 33.86
C SER D 128 -17.90 -16.55 32.77
N GLY D 129 -19.04 -15.99 33.16
CA GLY D 129 -19.96 -15.40 32.22
C GLY D 129 -21.32 -16.07 32.27
N ASN D 130 -22.13 -15.85 31.24
CA ASN D 130 -23.44 -16.48 31.18
C ASN D 130 -23.26 -17.97 30.91
N VAL D 131 -23.98 -18.81 31.64
CA VAL D 131 -23.85 -20.25 31.47
C VAL D 131 -24.15 -20.64 30.03
N ASP D 132 -24.98 -19.84 29.34
CA ASP D 132 -25.39 -20.13 27.97
C ASP D 132 -24.66 -19.27 26.93
N SER D 133 -23.54 -18.64 27.27
CA SER D 133 -22.80 -17.91 26.23
C SER D 133 -21.32 -17.74 26.53
N PHE D 134 -20.81 -18.38 27.59
CA PHE D 134 -19.43 -18.13 27.99
C PHE D 134 -18.43 -18.56 26.93
N TRP D 135 -18.78 -19.56 26.11
CA TRP D 135 -17.87 -19.95 25.04
C TRP D 135 -17.86 -18.95 23.90
N LEU D 136 -18.76 -17.98 23.91
CA LEU D 136 -18.84 -16.95 22.88
C LEU D 136 -18.36 -15.58 23.36
N ASP D 137 -18.59 -15.25 24.63
CA ASP D 137 -18.18 -13.94 25.12
C ASP D 137 -17.83 -13.97 26.61
N GLY D 138 -17.51 -15.13 27.16
CA GLY D 138 -17.12 -15.29 28.55
C GLY D 138 -15.63 -15.52 28.71
N GLY D 139 -15.24 -16.18 29.80
CA GLY D 139 -13.85 -16.27 30.17
C GLY D 139 -13.09 -17.47 29.68
N ILE D 140 -13.75 -18.42 28.99
CA ILE D 140 -13.08 -19.67 28.63
C ILE D 140 -12.13 -19.40 27.47
N ARG D 141 -10.96 -20.03 27.53
CA ARG D 141 -9.94 -19.86 26.49
C ARG D 141 -9.27 -21.21 26.25
N ILE D 142 -8.95 -21.48 24.98
CA ILE D 142 -8.32 -22.73 24.60
C ILE D 142 -7.42 -22.47 23.39
N SER D 143 -6.26 -23.10 23.39
CA SER D 143 -5.32 -22.97 22.27
C SER D 143 -5.50 -24.10 21.27
N ALA D 144 -4.85 -23.94 20.11
CA ALA D 144 -4.90 -24.97 19.09
C ALA D 144 -4.30 -26.30 19.58
N THR D 145 -3.15 -26.23 20.25
CA THR D 145 -2.56 -27.47 20.77
C THR D 145 -3.43 -28.10 21.83
N GLU D 146 -4.13 -27.29 22.64
CA GLU D 146 -5.06 -27.82 23.63
C GLU D 146 -6.31 -28.42 22.98
N GLN D 147 -6.74 -27.88 21.84
CA GLN D 147 -7.81 -28.52 21.09
C GLN D 147 -7.40 -29.92 20.65
N ILE D 148 -6.18 -30.07 20.14
CA ILE D 148 -5.71 -31.39 19.70
C ILE D 148 -5.60 -32.32 20.90
N SER D 149 -5.07 -31.83 22.03
CA SER D 149 -4.99 -32.68 23.21
C SER D 149 -6.35 -33.21 23.60
N PHE D 150 -7.37 -32.35 23.56
CA PHE D 150 -8.73 -32.75 23.91
C PHE D 150 -9.30 -33.71 22.87
N LEU D 151 -9.10 -33.43 21.59
CA LEU D 151 -9.62 -34.29 20.53
C LEU D 151 -8.98 -35.66 20.56
N ARG D 152 -7.71 -35.75 20.92
CA ARG D 152 -7.06 -37.06 20.99
C ARG D 152 -7.73 -37.94 22.02
N LYS D 153 -8.11 -37.37 23.17
CA LYS D 153 -8.84 -38.15 24.16
C LYS D 153 -10.16 -38.63 23.60
N LEU D 154 -10.90 -37.72 22.93
CA LEU D 154 -12.18 -38.10 22.34
C LEU D 154 -12.01 -39.23 21.35
N TYR D 155 -11.02 -39.11 20.45
CA TYR D 155 -10.79 -40.15 19.46
C TYR D 155 -10.58 -41.51 20.13
N HIS D 156 -9.84 -41.53 21.23
CA HIS D 156 -9.50 -42.76 21.93
C HIS D 156 -10.53 -43.12 23.01
N ASN D 157 -11.65 -42.41 23.08
CA ASN D 157 -12.69 -42.67 24.08
C ASN D 157 -12.15 -42.54 25.50
N LYS D 158 -11.18 -41.64 25.69
CA LYS D 158 -10.53 -41.48 26.98
C LYS D 158 -11.09 -40.34 27.81
N LEU D 159 -12.06 -39.58 27.29
CA LEU D 159 -12.68 -38.56 28.11
C LEU D 159 -13.55 -39.21 29.18
N HIS D 160 -13.76 -38.48 30.28
CA HIS D 160 -14.52 -39.04 31.41
C HIS D 160 -16.02 -38.81 31.24
N VAL D 161 -16.50 -39.33 30.12
CA VAL D 161 -17.91 -39.57 29.86
C VAL D 161 -18.00 -40.95 29.24
N SER D 162 -19.23 -41.43 29.04
CA SER D 162 -19.40 -42.80 28.54
C SER D 162 -18.82 -42.94 27.14
N GLU D 163 -18.42 -44.17 26.80
CA GLU D 163 -18.04 -44.47 25.43
C GLU D 163 -19.16 -44.10 24.47
N ARG D 164 -20.40 -44.38 24.85
CA ARG D 164 -21.54 -44.09 23.99
C ARG D 164 -21.63 -42.60 23.67
N SER D 165 -21.53 -41.76 24.70
CA SER D 165 -21.57 -40.32 24.46
C SER D 165 -20.48 -39.91 23.48
N GLN D 166 -19.28 -40.46 23.65
CA GLN D 166 -18.18 -40.08 22.77
C GLN D 166 -18.40 -40.59 21.34
N ARG D 167 -18.94 -41.80 21.18
CA ARG D 167 -19.24 -42.30 19.85
C ARG D 167 -20.28 -41.43 19.16
N ILE D 168 -21.31 -41.02 19.89
CA ILE D 168 -22.36 -40.21 19.27
C ILE D 168 -21.80 -38.88 18.81
N VAL D 169 -20.96 -38.24 19.63
CA VAL D 169 -20.42 -36.94 19.22
C VAL D 169 -19.50 -37.10 18.01
N LYS D 170 -18.69 -38.16 17.98
CA LYS D 170 -17.84 -38.35 16.81
C LYS D 170 -18.65 -38.63 15.55
N GLN D 171 -19.79 -39.30 15.69
CA GLN D 171 -20.72 -39.42 14.55
C GLN D 171 -21.20 -38.04 14.13
N ALA D 172 -21.60 -37.22 15.11
CA ALA D 172 -22.09 -35.88 14.81
C ALA D 172 -21.00 -34.97 14.24
N MET D 173 -19.73 -35.26 14.50
CA MET D 173 -18.66 -34.47 13.92
C MET D 173 -18.38 -34.83 12.47
N LEU D 174 -19.00 -35.89 11.95
CA LEU D 174 -18.70 -36.33 10.59
C LEU D 174 -18.88 -35.17 9.62
N THR D 175 -17.82 -34.85 8.91
CA THR D 175 -17.82 -33.72 8.00
C THR D 175 -17.64 -34.14 6.55
N GLU D 176 -16.74 -35.07 6.27
CA GLU D 176 -16.48 -35.44 4.90
C GLU D 176 -15.92 -36.85 4.89
N ALA D 177 -16.31 -37.63 3.88
CA ALA D 177 -15.80 -38.98 3.77
C ALA D 177 -15.80 -39.38 2.30
N ASN D 178 -14.70 -39.99 1.87
CA ASN D 178 -14.59 -40.55 0.54
C ASN D 178 -13.65 -41.76 0.62
N GLY D 179 -13.26 -42.27 -0.54
CA GLY D 179 -12.40 -43.44 -0.56
C GLY D 179 -10.98 -43.19 -0.06
N ASP D 180 -10.60 -41.93 0.14
CA ASP D 180 -9.25 -41.59 0.56
C ASP D 180 -9.16 -41.21 2.04
N TYR D 181 -10.19 -40.62 2.63
CA TYR D 181 -10.09 -40.15 4.00
C TYR D 181 -11.46 -39.86 4.58
N ILE D 182 -11.49 -39.74 5.89
CA ILE D 182 -12.66 -39.28 6.65
C ILE D 182 -12.20 -38.09 7.49
N ILE D 183 -13.01 -37.02 7.50
CA ILE D 183 -12.76 -35.86 8.37
C ILE D 183 -13.90 -35.78 9.38
N ARG D 184 -13.54 -35.76 10.65
CA ARG D 184 -14.44 -35.41 11.74
C ARG D 184 -13.92 -34.11 12.33
N ALA D 185 -14.77 -33.10 12.42
CA ALA D 185 -14.29 -31.74 12.71
C ALA D 185 -15.46 -30.86 13.12
N LYS D 186 -15.12 -29.66 13.58
CA LYS D 186 -16.11 -28.67 13.97
C LYS D 186 -15.55 -27.28 13.69
N THR D 187 -16.35 -26.45 13.02
CA THR D 187 -15.97 -25.07 12.76
C THR D 187 -16.31 -24.18 13.94
N GLY D 188 -15.64 -23.04 13.99
CA GLY D 188 -15.94 -22.01 14.97
C GLY D 188 -15.73 -20.63 14.38
N TYR D 189 -16.50 -19.68 14.90
CA TYR D 189 -16.45 -18.30 14.41
C TYR D 189 -16.70 -17.41 15.61
N SER D 190 -15.65 -16.75 16.10
CA SER D 190 -15.72 -15.91 17.30
C SER D 190 -15.81 -14.45 16.88
N THR D 191 -16.94 -13.81 17.18
CA THR D 191 -17.19 -12.44 16.77
C THR D 191 -17.52 -11.48 17.90
N ARG D 192 -17.89 -11.98 19.08
CA ARG D 192 -18.41 -11.11 20.11
C ARG D 192 -17.32 -10.35 20.84
N ILE D 193 -16.11 -10.90 20.87
CA ILE D 193 -14.98 -10.33 21.59
C ILE D 193 -13.77 -10.37 20.67
N GLU D 194 -13.03 -9.26 20.61
CA GLU D 194 -11.85 -9.21 19.76
C GLU D 194 -10.77 -10.12 20.32
N PRO D 195 -9.91 -10.68 19.46
CA PRO D 195 -9.94 -10.56 18.00
C PRO D 195 -10.91 -11.52 17.33
N LYS D 196 -11.60 -11.08 16.28
CA LYS D 196 -12.45 -11.98 15.52
C LYS D 196 -11.60 -13.04 14.85
N ILE D 197 -11.94 -14.31 15.07
CA ILE D 197 -11.18 -15.42 14.54
C ILE D 197 -12.13 -16.50 14.06
N GLY D 198 -11.62 -17.34 13.16
CA GLY D 198 -12.29 -18.57 12.76
C GLY D 198 -11.47 -19.75 13.25
N TRP D 199 -12.16 -20.85 13.55
CA TRP D 199 -11.57 -22.10 13.97
C TRP D 199 -11.94 -23.20 12.98
N TRP D 200 -11.08 -24.22 12.88
CA TRP D 200 -11.49 -25.54 12.39
C TRP D 200 -10.64 -26.56 13.12
N VAL D 201 -11.29 -27.46 13.87
CA VAL D 201 -10.58 -28.45 14.68
C VAL D 201 -11.19 -29.82 14.43
N GLY D 202 -10.34 -30.85 14.44
CA GLY D 202 -10.81 -32.21 14.23
C GLY D 202 -9.67 -33.13 13.84
N TRP D 203 -9.98 -34.10 12.99
CA TRP D 203 -8.92 -34.99 12.55
C TRP D 203 -9.26 -35.62 11.20
N VAL D 204 -8.22 -36.12 10.55
CA VAL D 204 -8.32 -36.80 9.27
C VAL D 204 -7.99 -38.27 9.54
N GLU D 205 -8.93 -39.16 9.26
CA GLU D 205 -8.68 -40.59 9.39
C GLU D 205 -8.19 -41.14 8.05
N LEU D 206 -7.04 -41.80 8.10
CA LEU D 206 -6.50 -42.55 6.98
C LEU D 206 -6.56 -44.04 7.31
N ASP D 207 -6.24 -44.86 6.31
CA ASP D 207 -6.25 -46.31 6.49
C ASP D 207 -5.38 -46.76 7.68
N ASP D 208 -4.19 -46.17 7.81
CA ASP D 208 -3.22 -46.66 8.79
C ASP D 208 -2.66 -45.54 9.67
N ASN D 209 -3.35 -44.42 9.76
CA ASN D 209 -2.90 -43.33 10.62
C ASN D 209 -4.06 -42.38 10.82
N VAL D 210 -3.92 -41.49 11.81
CA VAL D 210 -4.86 -40.39 12.00
C VAL D 210 -4.07 -39.11 12.22
N TRP D 211 -4.43 -38.05 11.50
CA TRP D 211 -3.82 -36.72 11.67
C TRP D 211 -4.83 -35.81 12.36
N PHE D 212 -4.52 -35.40 13.58
CA PHE D 212 -5.32 -34.40 14.26
C PHE D 212 -4.89 -33.02 13.81
N PHE D 213 -5.85 -32.10 13.75
CA PHE D 213 -5.54 -30.73 13.36
C PHE D 213 -6.34 -29.72 14.17
N ALA D 214 -5.76 -28.54 14.30
CA ALA D 214 -6.44 -27.39 14.88
C ALA D 214 -5.88 -26.16 14.19
N MET D 215 -6.77 -25.35 13.64
CA MET D 215 -6.37 -24.11 13.01
C MET D 215 -7.27 -22.98 13.47
N ASN D 216 -6.69 -21.80 13.61
CA ASN D 216 -7.48 -20.59 13.71
C ASN D 216 -6.79 -19.49 12.90
N MET D 217 -7.58 -18.48 12.54
CA MET D 217 -7.10 -17.41 11.70
C MET D 217 -7.92 -16.16 11.97
N ASP D 218 -7.28 -15.00 11.83
CA ASP D 218 -8.01 -13.75 11.96
C ASP D 218 -9.14 -13.71 10.94
N MET D 219 -10.31 -13.25 11.39
CA MET D 219 -11.53 -13.27 10.57
C MET D 219 -12.25 -11.95 10.76
N PRO D 220 -11.70 -10.86 10.20
CA PRO D 220 -12.33 -9.55 10.40
C PRO D 220 -13.73 -9.47 9.81
N THR D 221 -14.02 -10.24 8.77
CA THR D 221 -15.36 -10.30 8.20
C THR D 221 -15.69 -11.74 7.83
N SER D 222 -16.99 -12.02 7.75
CA SER D 222 -17.46 -13.37 7.43
C SER D 222 -17.11 -13.81 6.01
N ASP D 223 -16.63 -12.91 5.16
CA ASP D 223 -16.33 -13.27 3.78
C ASP D 223 -15.27 -14.37 3.70
N GLY D 224 -14.38 -14.43 4.68
CA GLY D 224 -13.26 -15.35 4.64
C GLY D 224 -13.49 -16.68 5.31
N LEU D 225 -14.73 -17.00 5.71
CA LEU D 225 -14.96 -18.20 6.51
C LEU D 225 -14.53 -19.46 5.77
N GLY D 226 -14.69 -19.49 4.46
CA GLY D 226 -14.29 -20.66 3.68
C GLY D 226 -12.80 -20.94 3.74
N LEU D 227 -11.99 -19.95 4.12
CA LEU D 227 -10.56 -20.16 4.20
C LEU D 227 -10.16 -21.08 5.35
N ARG D 228 -11.03 -21.24 6.35
CA ARG D 228 -10.73 -22.14 7.45
C ARG D 228 -10.47 -23.55 6.94
N GLN D 229 -11.39 -24.09 6.15
CA GLN D 229 -11.20 -25.41 5.58
C GLN D 229 -10.21 -25.39 4.42
N ALA D 230 -10.24 -24.34 3.60
CA ALA D 230 -9.42 -24.30 2.41
C ALA D 230 -7.94 -24.22 2.75
N ILE D 231 -7.56 -23.35 3.68
CA ILE D 231 -6.16 -23.27 4.09
C ILE D 231 -5.71 -24.58 4.72
N THR D 232 -6.54 -25.14 5.61
CA THR D 232 -6.22 -26.42 6.22
C THR D 232 -5.96 -27.49 5.17
N LYS D 233 -6.81 -27.56 4.15
CA LYS D 233 -6.66 -28.58 3.12
C LYS D 233 -5.44 -28.33 2.23
N GLU D 234 -5.07 -27.07 2.01
CA GLU D 234 -3.85 -26.79 1.25
C GLU D 234 -2.62 -27.30 2.00
N VAL D 235 -2.63 -27.19 3.33
CA VAL D 235 -1.54 -27.72 4.14
C VAL D 235 -1.54 -29.24 4.10
N LEU D 236 -2.72 -29.86 4.29
CA LEU D 236 -2.80 -31.31 4.22
C LEU D 236 -2.30 -31.82 2.87
N LYS D 237 -2.69 -31.15 1.78
CA LYS D 237 -2.21 -31.54 0.46
C LYS D 237 -0.70 -31.37 0.37
N GLN D 238 -0.19 -30.24 0.85
CA GLN D 238 1.26 -29.99 0.80
C GLN D 238 2.03 -31.09 1.51
N GLU D 239 1.53 -31.53 2.67
CA GLU D 239 2.19 -32.57 3.46
C GLU D 239 1.82 -33.97 3.02
N LYS D 240 1.15 -34.13 1.88
CA LYS D 240 0.82 -35.43 1.32
C LYS D 240 -0.09 -36.24 2.24
N ILE D 241 -0.84 -35.57 3.11
CA ILE D 241 -1.79 -36.27 3.96
C ILE D 241 -3.05 -36.63 3.17
N ILE D 242 -3.48 -35.74 2.27
CA ILE D 242 -4.61 -36.04 1.38
C ILE D 242 -4.18 -35.73 -0.04
N PRO D 243 -4.86 -36.34 -1.04
CA PRO D 243 -4.56 -36.04 -2.44
C PRO D 243 -4.86 -34.60 -2.84
N CVF E . 2.85 14.15 4.78
C CVF E . 2.16 13.66 2.52
O CVF E . -6.79 18.16 9.62
C1 CVF E . 2.25 14.61 3.68
C10 CVF E . -3.06 16.66 7.14
C11 CVF E . -3.84 16.38 6.01
C12 CVF E . -5.16 16.77 5.94
C13 CVF E . -5.74 17.43 7.00
C14 CVF E . -5.00 17.72 8.13
C15 CVF E . -5.62 18.47 9.29
C16 CVF E . -3.67 17.33 8.20
C2 CVF E . 3.19 15.00 5.91
C3 CVF E . 2.39 14.65 7.16
C4 CVF E . 0.99 15.22 7.19
C5 CVF E . 0.07 14.79 8.14
C6 CVF E . -1.22 15.29 8.16
C7 CVF E . 0.58 16.16 6.27
C8 CVF E . -0.71 16.67 6.28
C9 CVF E . -1.64 16.23 7.21
O1 CVF E . -4.93 19.36 9.83
O2 CVF E . 1.81 15.76 3.61
H3 CVF E . 3.09 13.17 4.86
H2 CVF E . 2.61 12.70 2.77
H1 CVF E . 2.70 14.01 1.64
H CVF E . 1.13 13.47 2.24
H12 CVF E . -3.38 15.86 5.16
H13 CVF E . -5.74 16.54 5.04
H14 CVF E . -6.79 17.74 6.95
H15 CVF E . -3.08 17.57 9.09
H4 CVF E . 4.26 14.93 6.12
H5 CVF E . 3.03 16.04 5.65
H7 CVF E . 2.92 15.03 8.03
H6 CVF E . 2.37 13.58 7.32
H8 CVF E . 0.36 14.06 8.89
H9 CVF E . -1.92 14.95 8.93
H10 CVF E . 1.28 16.52 5.52
H11 CVF E . -1.01 17.42 5.55
C1 EDO F . 9.10 32.63 13.90
O1 EDO F . 9.25 33.05 15.25
C2 EDO F . 9.85 31.31 13.73
O2 EDO F . 10.40 31.24 12.41
H11 EDO F . 9.52 33.38 13.22
H12 EDO F . 8.05 32.51 13.66
HO1 EDO F . 8.79 33.89 15.38
H21 EDO F . 10.64 31.25 14.47
H22 EDO F . 9.16 30.48 13.89
HO2 EDO F . 10.87 30.41 12.30
N CVF G . 12.37 15.18 7.19
C CVF G . 13.74 16.00 5.39
O CVF G . 19.11 7.55 7.02
C1 CVF G . 13.40 15.95 6.84
C10 CVF G . 17.63 11.39 8.24
C11 CVF G . 18.64 12.35 8.22
C12 CVF G . 19.97 11.99 8.11
C13 CVF G . 20.31 10.65 8.02
C14 CVF G . 19.33 9.68 8.04
C15 CVF G . 19.70 8.22 7.90
C16 CVF G . 17.99 10.05 8.15
C2 CVF G . 12.09 14.77 8.56
C3 CVF G . 12.16 13.26 8.72
C4 CVF G . 13.55 12.69 8.56
C5 CVF G . 14.09 11.84 9.50
C6 CVF G . 15.40 11.39 9.38
C7 CVF G . 14.33 13.07 7.48
C8 CVF G . 15.64 12.62 7.37
C9 CVF G . 16.20 11.78 8.32
O1 CVF G . 20.56 7.76 8.68
O2 CVF G . 14.06 16.56 7.68
H3 CVF G . 11.73 14.84 6.48
H2 CVF G . 14.48 15.24 5.13
H1 CVF G . 14.18 16.96 5.08
H CVF G . 12.86 15.84 4.76
H12 CVF G . 18.38 13.41 8.29
H13 CVF G . 20.75 12.76 8.10
H14 CVF G . 21.36 10.36 7.93
H15 CVF G . 17.23 9.28 8.18
H4 CVF G . 12.79 15.27 9.23
H5 CVF G . 11.12 15.14 8.86
H7 CVF G . 11.51 12.79 7.99
H6 CVF G . 11.73 12.96 9.69
H8 CVF G . 13.50 11.50 10.35
H9 CVF G . 15.79 10.70 10.14
H10 CVF G . 13.93 13.72 6.71
H11 CVF G . 16.24 12.94 6.52
N CVF H . -13.57 7.82 -28.66
C CVF H . -15.42 8.94 -27.61
O CVF H . -7.63 -1.41 -27.10
C1 CVF H . -14.72 7.68 -27.99
C10 CVF H . -10.81 1.06 -25.97
C11 CVF H . -11.40 0.84 -24.72
C12 CVF H . -10.94 -0.19 -23.90
C13 CVF H . -9.91 -1.01 -24.32
C14 CVF H . -9.33 -0.82 -25.56
C15 CVF H . -8.18 -1.69 -26.01
C16 CVF H . -9.80 0.20 -26.39
C2 CVF H . -12.42 6.96 -28.41
C3 CVF H . -12.49 5.62 -29.15
C4 CVF H . -12.01 4.44 -28.34
C5 CVF H . -11.64 3.25 -28.95
C6 CVF H . -11.26 2.16 -28.19
C7 CVF H . -11.97 4.51 -26.96
C8 CVF H . -11.59 3.42 -26.20
C9 CVF H . -11.22 2.22 -26.80
O1 CVF H . -7.81 -2.61 -25.25
O2 CVF H . -15.12 6.58 -27.63
H3 CVF H . -13.47 8.54 -29.36
H2 CVF H . -16.24 9.15 -28.30
H1 CVF H . -14.78 9.82 -27.64
H CVF H . -15.84 8.88 -26.61
H12 CVF H . -12.20 1.48 -24.38
H13 CVF H . -11.41 -0.33 -22.93
H14 CVF H . -9.56 -1.81 -23.68
H15 CVF H . -9.34 0.34 -27.37
H4 CVF H . -11.51 7.49 -28.68
H5 CVF H . -12.32 6.77 -27.34
H7 CVF H . -11.88 5.68 -30.06
H6 CVF H . -13.50 5.44 -29.54
H8 CVF H . -11.64 3.16 -30.03
H9 CVF H . -10.97 1.23 -28.69
H10 CVF H . -12.24 5.43 -26.46
H11 CVF H . -11.57 3.49 -25.12
N CVF I . -24.89 -13.36 9.96
C CVF I . -27.08 -12.40 9.85
O CVF I . -19.21 -21.62 11.06
C1 CVF I . -25.61 -12.26 10.13
C10 CVF I . -21.71 -18.67 12.75
C11 CVF I . -22.20 -18.93 14.03
C12 CVF I . -21.73 -20.02 14.75
C13 CVF I . -20.79 -20.87 14.19
C14 CVF I . -20.31 -20.63 12.91
C15 CVF I . -19.26 -21.53 12.31
C16 CVF I . -20.78 -19.54 12.20
C2 CVF I . -23.63 -13.35 9.21
C3 CVF I . -22.43 -13.59 10.07
C4 CVF I . -22.42 -14.94 10.74
C5 CVF I . -22.13 -16.09 10.02
C6 CVF I . -21.96 -17.31 10.66
C7 CVF I . -22.59 -15.06 12.11
C8 CVF I . -22.43 -16.27 12.75
C9 CVF I . -22.08 -17.42 12.04
O1 CVF I . -18.49 -22.14 13.10
O2 CVF I . -25.11 -11.18 10.43
H3 CVF I . -25.19 -14.25 10.34
H2 CVF I . -27.63 -11.57 10.30
H1 CVF I . -27.51 -13.31 10.27
H CVF I . -27.28 -12.39 8.78
H12 CVF I . -22.95 -18.28 14.47
H13 CVF I . -22.13 -20.21 15.75
H14 CVF I . -20.42 -21.72 14.76
H15 CVF I . -20.42 -19.38 11.18
H4 CVF I . -23.69 -14.09 8.41
H5 CVF I . -23.53 -12.40 8.69
H7 CVF I . -22.39 -12.83 10.85
H6 CVF I . -21.52 -13.44 9.50
H8 CVF I . -22.02 -16.04 8.94
H9 CVF I . -21.74 -18.20 10.07
H10 CVF I . -22.87 -14.18 12.69
H11 CVF I . -22.58 -16.33 13.83
C1 EDO J . -3.40 -50.99 11.67
O1 EDO J . -2.20 -51.67 11.26
C2 EDO J . -4.56 -51.41 10.78
O2 EDO J . -4.76 -50.42 9.77
H11 EDO J . -3.25 -49.91 11.60
H12 EDO J . -3.62 -51.24 12.71
HO1 EDO J . -1.47 -51.39 11.83
H21 EDO J . -4.34 -52.38 10.32
H22 EDO J . -5.47 -51.52 11.38
HO2 EDO J . -5.50 -50.68 9.20
#